data_2YGI
# 
_entry.id   2YGI 
# 
_audit_conform.dict_name       mmcif_pdbx.dic 
_audit_conform.dict_version    5.398 
_audit_conform.dict_location   http://mmcif.pdb.org/dictionaries/ascii/mmcif_pdbx.dic 
# 
loop_
_database_2.database_id 
_database_2.database_code 
_database_2.pdbx_database_accession 
_database_2.pdbx_DOI 
PDB   2YGI         pdb_00002ygi 10.2210/pdb2ygi/pdb 
PDBE  EBI-48028    ?            ?                   
WWPDB D_1290048028 ?            ?                   
# 
loop_
_pdbx_audit_revision_history.ordinal 
_pdbx_audit_revision_history.data_content_type 
_pdbx_audit_revision_history.major_revision 
_pdbx_audit_revision_history.minor_revision 
_pdbx_audit_revision_history.revision_date 
1 'Structure model' 1 0 2012-04-25 
2 'Structure model' 1 1 2012-05-23 
3 'Structure model' 1 2 2012-10-03 
4 'Structure model' 1 3 2016-12-14 
5 'Structure model' 1 4 2019-05-22 
6 'Structure model' 2 0 2023-11-15 
7 'Structure model' 2 1 2024-11-13 
# 
_pdbx_audit_revision_details.ordinal             1 
_pdbx_audit_revision_details.revision_ordinal    1 
_pdbx_audit_revision_details.data_content_type   'Structure model' 
_pdbx_audit_revision_details.provider            repository 
_pdbx_audit_revision_details.type                'Initial release' 
_pdbx_audit_revision_details.description         ? 
_pdbx_audit_revision_details.details             ? 
# 
loop_
_pdbx_audit_revision_group.ordinal 
_pdbx_audit_revision_group.revision_ordinal 
_pdbx_audit_revision_group.data_content_type 
_pdbx_audit_revision_group.group 
1  2 'Structure model' Other                    
2  3 'Structure model' 'Database references'    
3  4 'Structure model' 'Data collection'        
4  5 'Structure model' 'Data collection'        
5  5 'Structure model' 'Derived calculations'   
6  5 'Structure model' Other                    
7  5 'Structure model' 'Refinement description' 
8  6 'Structure model' 'Atomic model'           
9  6 'Structure model' 'Data collection'        
10 6 'Structure model' 'Database references'    
11 6 'Structure model' 'Derived calculations'   
12 6 'Structure model' Other                    
13 7 'Structure model' 'Structure summary'      
# 
loop_
_pdbx_audit_revision_category.ordinal 
_pdbx_audit_revision_category.revision_ordinal 
_pdbx_audit_revision_category.data_content_type 
_pdbx_audit_revision_category.category 
1  5 'Structure model' pdbx_database_proc        
2  5 'Structure model' pdbx_database_status      
3  5 'Structure model' refine                    
4  5 'Structure model' struct_conn               
5  6 'Structure model' atom_site                 
6  6 'Structure model' atom_site_anisotrop       
7  6 'Structure model' chem_comp_atom            
8  6 'Structure model' chem_comp_bond            
9  6 'Structure model' database_2                
10 6 'Structure model' pdbx_database_status      
11 6 'Structure model' pdbx_validate_rmsd_angle  
12 6 'Structure model' struct_conn               
13 6 'Structure model' struct_conn_type          
14 6 'Structure model' struct_site               
15 7 'Structure model' pdbx_entry_details        
16 7 'Structure model' pdbx_modification_feature 
# 
loop_
_pdbx_audit_revision_item.ordinal 
_pdbx_audit_revision_item.revision_ordinal 
_pdbx_audit_revision_item.data_content_type 
_pdbx_audit_revision_item.item 
1  5 'Structure model' '_pdbx_database_status.recvd_author_approval' 
2  5 'Structure model' '_refine.pdbx_ls_cross_valid_method'          
3  5 'Structure model' '_struct_conn.pdbx_leaving_atom_flag'         
4  6 'Structure model' '_atom_site.auth_atom_id'                     
5  6 'Structure model' '_atom_site.label_atom_id'                    
6  6 'Structure model' '_atom_site_anisotrop.pdbx_auth_atom_id'      
7  6 'Structure model' '_atom_site_anisotrop.pdbx_label_atom_id'     
8  6 'Structure model' '_database_2.pdbx_DOI'                        
9  6 'Structure model' '_database_2.pdbx_database_accession'         
10 6 'Structure model' '_pdbx_database_status.status_code_sf'        
11 6 'Structure model' '_struct_conn.conn_type_id'                   
12 6 'Structure model' '_struct_conn.id'                             
13 6 'Structure model' '_struct_conn.pdbx_dist_value'                
14 6 'Structure model' '_struct_conn.pdbx_leaving_atom_flag'         
15 6 'Structure model' '_struct_conn.ptnr1_auth_asym_id'             
16 6 'Structure model' '_struct_conn.ptnr1_auth_comp_id'             
17 6 'Structure model' '_struct_conn.ptnr1_auth_seq_id'              
18 6 'Structure model' '_struct_conn.ptnr1_label_asym_id'            
19 6 'Structure model' '_struct_conn.ptnr1_label_atom_id'            
20 6 'Structure model' '_struct_conn.ptnr1_label_comp_id'            
21 6 'Structure model' '_struct_conn.ptnr1_label_seq_id'             
22 6 'Structure model' '_struct_conn.ptnr2_auth_asym_id'             
23 6 'Structure model' '_struct_conn.ptnr2_auth_comp_id'             
24 6 'Structure model' '_struct_conn.ptnr2_auth_seq_id'              
25 6 'Structure model' '_struct_conn.ptnr2_label_asym_id'            
26 6 'Structure model' '_struct_conn.ptnr2_label_atom_id'            
27 6 'Structure model' '_struct_conn.ptnr2_label_comp_id'            
28 6 'Structure model' '_struct_conn.ptnr2_label_seq_id'             
29 6 'Structure model' '_struct_conn_type.id'                        
30 6 'Structure model' '_struct_site.pdbx_auth_asym_id'              
31 6 'Structure model' '_struct_site.pdbx_auth_comp_id'              
32 6 'Structure model' '_struct_site.pdbx_auth_seq_id'               
# 
_pdbx_database_status.status_code                     REL 
_pdbx_database_status.entry_id                        2YGI 
_pdbx_database_status.deposit_site                    PDBE 
_pdbx_database_status.process_site                    PDBE 
_pdbx_database_status.SG_entry                        . 
_pdbx_database_status.recvd_initial_deposition_date   2011-04-18 
_pdbx_database_status.pdb_format_compatible           Y 
_pdbx_database_status.status_code_sf                  REL 
_pdbx_database_status.status_code_mr                  ? 
_pdbx_database_status.status_code_cs                  ? 
_pdbx_database_status.methods_development_category    ? 
_pdbx_database_status.status_code_nmr_data            ? 
# 
_pdbx_database_related.db_name        PDB 
_pdbx_database_related.db_id          2YGJ 
_pdbx_database_related.content_type   unspecified 
_pdbx_database_related.details        'METHANOBACTIN MB4' 
# 
loop_
_audit_author.name 
_audit_author.pdbx_ordinal 
'Ghazouani, A.' 1 
'Basle, A.'     2 
'Firbank, S.J.' 3 
'Gray, J.'      4 
'Dennison, C.'  5 
# 
_citation.id                        primary 
_citation.title                     
'Variations in Methanobactin Structure Influences Copper Utilization by Methane-Oxidizing Bacteria.' 
_citation.journal_abbrev            Proc.Natl.Acad.Sci.USA 
_citation.journal_volume            109 
_citation.page_first                8400 
_citation.page_last                 ? 
_citation.year                      2012 
_citation.journal_id_ASTM           PNASA6 
_citation.country                   US 
_citation.journal_id_ISSN           0027-8424 
_citation.journal_id_CSD            0040 
_citation.book_publisher            ? 
_citation.pdbx_database_id_PubMed   22582172 
_citation.pdbx_database_id_DOI      10.1073/PNAS.1112921109 
# 
loop_
_citation_author.citation_id 
_citation_author.name 
_citation_author.ordinal 
_citation_author.identifier_ORCID 
primary 'El Ghazouani, A.' 1 ? 
primary 'Basle, A.'        2 ? 
primary 'Gray, J.'         3 ? 
primary 'Graham, D.W.'     4 ? 
primary 'Firbank, S.J.'    5 ? 
primary 'Dennison, C.'     6 ? 
# 
loop_
_entity.id 
_entity.type 
_entity.src_method 
_entity.pdbx_description 
_entity.formula_weight 
_entity.pdbx_number_of_molecules 
_entity.pdbx_ec 
_entity.pdbx_mutation 
_entity.pdbx_fragment 
_entity.details 
1 polymer     nat 'METHANOBACTIN HM1' 826.897 4  ? ? ? ? 
2 non-polymer syn 'COPPER (II) ION'   63.546  4  ? ? ? ? 
3 water       nat water               18.015  25 ? ? ? ? 
# 
_entity_poly.entity_id                      1 
_entity_poly.type                           'polypeptide(L)' 
_entity_poly.nstd_linkage                   no 
_entity_poly.nstd_monomer                   yes 
_entity_poly.pdbx_seq_one_letter_code       '(HM7)AS(HM8)AA' 
_entity_poly.pdbx_seq_one_letter_code_can   XASXAA 
_entity_poly.pdbx_strand_id                 A,B,C,D 
_entity_poly.pdbx_target_identifier         ? 
# 
loop_
_pdbx_entity_nonpoly.entity_id 
_pdbx_entity_nonpoly.name 
_pdbx_entity_nonpoly.comp_id 
2 'COPPER (II) ION' CU  
3 water             HOH 
# 
loop_
_entity_poly_seq.entity_id 
_entity_poly_seq.num 
_entity_poly_seq.mon_id 
_entity_poly_seq.hetero 
1 1 HM7 n 
1 2 ALA n 
1 3 SER n 
1 4 HM8 n 
1 5 ALA n 
1 6 ALA n 
# 
_entity_src_nat.entity_id                  1 
_entity_src_nat.pdbx_src_id                1 
_entity_src_nat.pdbx_alt_source_flag       sample 
_entity_src_nat.pdbx_beg_seq_num           ? 
_entity_src_nat.pdbx_end_seq_num           ? 
_entity_src_nat.common_name                ? 
_entity_src_nat.pdbx_organism_scientific   'METHYLOCYSTIS HIRSUTA' 
_entity_src_nat.pdbx_ncbi_taxonomy_id      369798 
_entity_src_nat.genus                      ? 
_entity_src_nat.species                    ? 
_entity_src_nat.strain                     CSC1 
_entity_src_nat.tissue                     ? 
_entity_src_nat.tissue_fraction            ? 
_entity_src_nat.pdbx_secretion             ? 
_entity_src_nat.pdbx_fragment              ? 
_entity_src_nat.pdbx_variant               ? 
_entity_src_nat.pdbx_cell_line             ? 
_entity_src_nat.pdbx_atcc                  ? 
_entity_src_nat.pdbx_cellular_location     ? 
_entity_src_nat.pdbx_organ                 ? 
_entity_src_nat.pdbx_organelle             ? 
_entity_src_nat.pdbx_cell                  ? 
_entity_src_nat.pdbx_plasmid_name          ? 
_entity_src_nat.pdbx_plasmid_details       ? 
_entity_src_nat.details                    ? 
# 
loop_
_chem_comp.id 
_chem_comp.type 
_chem_comp.mon_nstd_flag 
_chem_comp.name 
_chem_comp.pdbx_synonyms 
_chem_comp.formula 
_chem_comp.formula_weight 
ALA 'L-peptide linking' y ALANINE                                                                             ? 'C3 H7 N O2'      
89.093  
CU  non-polymer         . 'COPPER (II) ION'                                                                   ? 'Cu 2'            
63.546  
HM7 non-polymer         . 3-methylthioethane-pyrazinedione                                                    ? 'C8 H10 N2 O3 S2' 
246.307 
HM8 'L-peptide linking' . '2-[(1S,2R)-1-amino-2-(sulfooxy)propyl]-5-hydroxy-1,3-oxazole-4-carbothioic O-acid' ? 'C7 H10 N2 O7 S2' 
298.294 
HOH non-polymer         . WATER                                                                               ? 'H2 O'            
18.015  
SER 'L-peptide linking' y SERINE                                                                              ? 'C3 H7 N O3'      
105.093 
# 
loop_
_pdbx_poly_seq_scheme.asym_id 
_pdbx_poly_seq_scheme.entity_id 
_pdbx_poly_seq_scheme.seq_id 
_pdbx_poly_seq_scheme.mon_id 
_pdbx_poly_seq_scheme.ndb_seq_num 
_pdbx_poly_seq_scheme.pdb_seq_num 
_pdbx_poly_seq_scheme.auth_seq_num 
_pdbx_poly_seq_scheme.pdb_mon_id 
_pdbx_poly_seq_scheme.auth_mon_id 
_pdbx_poly_seq_scheme.pdb_strand_id 
_pdbx_poly_seq_scheme.pdb_ins_code 
_pdbx_poly_seq_scheme.hetero 
A 1 1 HM7 1 1 1 HM7 HM7 A . n 
A 1 2 ALA 2 2 2 ALA ALA A . n 
A 1 3 SER 3 3 3 SER SER A . n 
A 1 4 HM8 4 4 4 HM8 HM8 A . n 
A 1 5 ALA 5 5 5 ALA ALA A . n 
A 1 6 ALA 6 6 6 ALA ALA A . n 
B 1 1 HM7 1 1 1 HM7 HM7 B . n 
B 1 2 ALA 2 2 2 ALA ALA B . n 
B 1 3 SER 3 3 3 SER SER B . n 
B 1 4 HM8 4 4 4 HM8 HM8 B . n 
B 1 5 ALA 5 5 5 ALA ALA B . n 
B 1 6 ALA 6 6 6 ALA ALA B . n 
C 1 1 HM7 1 1 1 HM7 HM7 C . n 
C 1 2 ALA 2 2 2 ALA ALA C . n 
C 1 3 SER 3 3 3 SER SER C . n 
C 1 4 HM8 4 4 4 HM8 HM8 C . n 
C 1 5 ALA 5 5 5 ALA ALA C . n 
C 1 6 ALA 6 6 6 ALA ALA C . n 
D 1 1 HM7 1 1 1 HM7 HM7 D . n 
D 1 2 ALA 2 2 2 ALA ALA D . n 
D 1 3 SER 3 3 3 SER SER D . n 
D 1 4 HM8 4 4 4 HM8 HM8 D . n 
D 1 5 ALA 5 5 5 ALA ALA D . n 
D 1 6 ALA 6 6 6 ALA ALA D . n 
# 
loop_
_pdbx_nonpoly_scheme.asym_id 
_pdbx_nonpoly_scheme.entity_id 
_pdbx_nonpoly_scheme.mon_id 
_pdbx_nonpoly_scheme.ndb_seq_num 
_pdbx_nonpoly_scheme.pdb_seq_num 
_pdbx_nonpoly_scheme.auth_seq_num 
_pdbx_nonpoly_scheme.pdb_mon_id 
_pdbx_nonpoly_scheme.auth_mon_id 
_pdbx_nonpoly_scheme.pdb_strand_id 
_pdbx_nonpoly_scheme.pdb_ins_code 
E 2 CU  1  7    7    CU  CU  A . 
F 2 CU  1  7    7    CU  CU  B . 
G 2 CU  1  7    7    CU  CU  C . 
H 2 CU  1  7    7    CU  CU  D . 
I 3 HOH 1  2001 2001 HOH HOH A . 
I 3 HOH 2  2002 2002 HOH HOH A . 
I 3 HOH 3  2003 2003 HOH HOH A . 
I 3 HOH 4  2004 2004 HOH HOH A . 
I 3 HOH 5  2005 2005 HOH HOH A . 
I 3 HOH 6  2006 2006 HOH HOH A . 
I 3 HOH 7  2007 2007 HOH HOH A . 
I 3 HOH 8  2008 2008 HOH HOH A . 
I 3 HOH 9  2009 2009 HOH HOH A . 
I 3 HOH 10 2010 2010 HOH HOH A . 
I 3 HOH 11 2011 2011 HOH HOH A . 
J 3 HOH 1  2001 2001 HOH HOH B . 
J 3 HOH 2  2002 2002 HOH HOH B . 
J 3 HOH 3  2003 2003 HOH HOH B . 
J 3 HOH 4  2004 2004 HOH HOH B . 
J 3 HOH 5  2005 2005 HOH HOH B . 
J 3 HOH 6  2006 2006 HOH HOH B . 
J 3 HOH 7  2007 2007 HOH HOH B . 
J 3 HOH 8  2008 2008 HOH HOH B . 
K 3 HOH 1  2001 2001 HOH HOH C . 
K 3 HOH 2  2002 2002 HOH HOH C . 
K 3 HOH 3  2003 2003 HOH HOH C . 
K 3 HOH 4  2004 2004 HOH HOH C . 
L 3 HOH 1  2001 2001 HOH HOH D . 
L 3 HOH 2  2002 2002 HOH HOH D . 
# 
loop_
_software.name 
_software.classification 
_software.version 
_software.citation_id 
_software.pdbx_ordinal 
SHELXL-97 refinement       . ? 1 
XDS       'data reduction' . ? 2 
SCALA     'data scaling'   . ? 3 
SHELX     phasing          . ? 4 
# 
_cell.entry_id           2YGI 
_cell.length_a           9.072 
_cell.length_b           22.535 
_cell.length_c           23.572 
_cell.angle_alpha        64.79 
_cell.angle_beta         86.06 
_cell.angle_gamma        91.77 
_cell.Z_PDB              4 
_cell.pdbx_unique_axis   ? 
# 
_symmetry.entry_id                         2YGI 
_symmetry.space_group_name_H-M             'P 1' 
_symmetry.pdbx_full_space_group_name_H-M   ? 
_symmetry.cell_setting                     ? 
_symmetry.Int_Tables_number                1 
# 
_exptl.entry_id          2YGI 
_exptl.method            'X-RAY DIFFRACTION' 
_exptl.crystals_number   1 
# 
_exptl_crystal.id                    1 
_exptl_crystal.density_meas          ? 
_exptl_crystal.density_Matthews      2.37 
_exptl_crystal.density_percent_sol   48.02 
_exptl_crystal.description           NONE 
# 
_exptl_crystal_grow.crystal_id      1 
_exptl_crystal_grow.method          ? 
_exptl_crystal_grow.temp            ? 
_exptl_crystal_grow.temp_details    ? 
_exptl_crystal_grow.pH              5.6 
_exptl_crystal_grow.pdbx_pH_range   ? 
_exptl_crystal_grow.pdbx_details    '3.8 AMMONIUM SULFATE, 100 MM SODIUM CITRATE PH 5.6.' 
# 
_diffrn.id                     1 
_diffrn.ambient_temp           100 
_diffrn.ambient_temp_details   ? 
_diffrn.crystal_id             1 
# 
_diffrn_detector.diffrn_id              1 
_diffrn_detector.detector               CCD 
_diffrn_detector.type                   'ADSC CCD' 
_diffrn_detector.pdbx_collection_date   2011-02-27 
_diffrn_detector.details                ? 
# 
_diffrn_radiation.diffrn_id                        1 
_diffrn_radiation.wavelength_id                    1 
_diffrn_radiation.pdbx_monochromatic_or_laue_m_l   M 
_diffrn_radiation.monochromator                    ? 
_diffrn_radiation.pdbx_diffrn_protocol             'SINGLE WAVELENGTH' 
_diffrn_radiation.pdbx_scattering_type             x-ray 
# 
_diffrn_radiation_wavelength.id           1 
_diffrn_radiation_wavelength.wavelength   0.8 
_diffrn_radiation_wavelength.wt           1.0 
# 
_diffrn_source.diffrn_id                   1 
_diffrn_source.source                      SYNCHROTRON 
_diffrn_source.type                        'DIAMOND BEAMLINE I02' 
_diffrn_source.pdbx_synchrotron_site       Diamond 
_diffrn_source.pdbx_synchrotron_beamline   I02 
_diffrn_source.pdbx_wavelength             0.8 
_diffrn_source.pdbx_wavelength_list        ? 
# 
_reflns.pdbx_diffrn_id               1 
_reflns.pdbx_ordinal                 1 
_reflns.entry_id                     2YGI 
_reflns.observed_criterion_sigma_I   2.0 
_reflns.observed_criterion_sigma_F   ? 
_reflns.d_resolution_low             19.44 
_reflns.d_resolution_high            0.80 
_reflns.number_obs                   12760 
_reflns.number_all                   ? 
_reflns.percent_possible_obs         75.7 
_reflns.pdbx_Rmerge_I_obs            0.06 
_reflns.pdbx_Rsym_value              ? 
_reflns.pdbx_netI_over_sigmaI        15.30 
_reflns.B_iso_Wilson_estimate        ? 
_reflns.pdbx_redundancy              3.8 
# 
_reflns_shell.pdbx_diffrn_id         1 
_reflns_shell.pdbx_ordinal           1 
_reflns_shell.d_res_high             0.80 
_reflns_shell.d_res_low              0.84 
_reflns_shell.percent_possible_all   20.2 
_reflns_shell.Rmerge_I_obs           0.36 
_reflns_shell.pdbx_Rsym_value        ? 
_reflns_shell.meanI_over_sigI_obs    3.30 
_reflns_shell.pdbx_redundancy        3.1 
# 
_refine.pdbx_refine_id                           'X-RAY DIFFRACTION' 
_refine.entry_id                                 2YGI 
_refine.pdbx_diffrn_id                           1 
_refine.pdbx_TLS_residual_ADP_flag               ? 
_refine.ls_number_reflns_obs                     ? 
_refine.ls_number_reflns_all                     13445 
_refine.pdbx_ls_sigma_I                          ? 
_refine.pdbx_ls_sigma_F                          0.0 
_refine.pdbx_data_cutoff_high_absF               ? 
_refine.pdbx_data_cutoff_low_absF                ? 
_refine.pdbx_data_cutoff_high_rms_absF           ? 
_refine.ls_d_res_low                             30.00 
_refine.ls_d_res_high                            0.80 
_refine.ls_percent_reflns_obs                    75.8 
_refine.ls_R_factor_obs                          0.0652 
_refine.ls_R_factor_all                          0.0763 
_refine.ls_R_factor_R_work                       ? 
_refine.ls_R_factor_R_free                       0.0894 
_refine.ls_R_factor_R_free_error                 ? 
_refine.ls_R_factor_R_free_error_details         ? 
_refine.ls_percent_reflns_R_free                 5 
_refine.ls_number_reflns_R_free                  685 
_refine.ls_number_parameters                     2267 
_refine.ls_number_restraints                     1929 
_refine.occupancy_min                            ? 
_refine.occupancy_max                            ? 
_refine.correlation_coeff_Fo_to_Fc               ? 
_refine.correlation_coeff_Fo_to_Fc_free          ? 
_refine.B_iso_mean                               ? 
_refine.aniso_B[1][1]                            ? 
_refine.aniso_B[2][2]                            ? 
_refine.aniso_B[3][3]                            ? 
_refine.aniso_B[1][2]                            ? 
_refine.aniso_B[1][3]                            ? 
_refine.aniso_B[2][3]                            ? 
_refine.solvent_model_details                    ? 
_refine.solvent_model_param_ksol                 ? 
_refine.solvent_model_param_bsol                 ? 
_refine.pdbx_solvent_vdw_probe_radii             ? 
_refine.pdbx_solvent_ion_probe_radii             ? 
_refine.pdbx_solvent_shrinkage_radii             ? 
_refine.pdbx_ls_cross_valid_method               'FREE R-VALUE' 
_refine.details                                  'ANISOTROPIC REFINEMENT REDUCED FREE R' 
_refine.pdbx_starting_model                      NONE 
_refine.pdbx_method_to_determine_struct          'AB INITIO PHASING' 
_refine.pdbx_isotropic_thermal_model             ? 
_refine.pdbx_stereochemistry_target_values       'ENGH AND HUBER' 
_refine.pdbx_stereochem_target_val_spec_case     ? 
_refine.pdbx_R_Free_selection_details            RANDOM 
_refine.pdbx_overall_ESU_R                       ? 
_refine.pdbx_overall_ESU_R_Free                  ? 
_refine.overall_SU_ML                            ? 
_refine.pdbx_overall_phase_error                 ? 
_refine.overall_SU_B                             ? 
_refine.overall_SU_R_Cruickshank_DPI             ? 
_refine.pdbx_overall_SU_R_free_Cruickshank_DPI   ? 
_refine.pdbx_overall_SU_R_Blow_DPI               ? 
_refine.pdbx_overall_SU_R_free_Blow_DPI          ? 
# 
_refine_analyze.pdbx_refine_id                  'X-RAY DIFFRACTION' 
_refine_analyze.entry_id                        2YGI 
_refine_analyze.Luzzati_coordinate_error_obs    ? 
_refine_analyze.Luzzati_sigma_a_obs             ? 
_refine_analyze.Luzzati_d_res_low_obs           ? 
_refine_analyze.Luzzati_coordinate_error_free   ? 
_refine_analyze.Luzzati_sigma_a_free            ? 
_refine_analyze.Luzzati_d_res_low_free          ? 
_refine_analyze.number_disordered_residues      5 
_refine_analyze.occupancy_sum_hydrogen          117.76 
_refine_analyze.occupancy_sum_non_hydrogen      241.00 
# 
_refine_hist.pdbx_refine_id                   'X-RAY DIFFRACTION' 
_refine_hist.cycle_id                         LAST 
_refine_hist.pdbx_number_atoms_protein        212 
_refine_hist.pdbx_number_atoms_nucleic_acid   0 
_refine_hist.pdbx_number_atoms_ligand         4 
_refine_hist.number_atoms_solvent             25 
_refine_hist.number_atoms_total               241 
_refine_hist.d_res_high                       0.80 
_refine_hist.d_res_low                        30.00 
# 
loop_
_refine_ls_restr.type 
_refine_ls_restr.dev_ideal 
_refine_ls_restr.dev_ideal_target 
_refine_ls_restr.weight 
_refine_ls_restr.number 
_refine_ls_restr.pdbx_refine_id 
_refine_ls_restr.pdbx_restraint_function 
s_bond_d               0.012 ? ? ? 'X-RAY DIFFRACTION' ? 
s_angle_d              0.000 ? ? ? 'X-RAY DIFFRACTION' ? 
s_similar_dist         0.000 ? ? ? 'X-RAY DIFFRACTION' ? 
s_from_restr_planes    0.000 ? ? ? 'X-RAY DIFFRACTION' ? 
s_zero_chiral_vol      0.000 ? ? ? 'X-RAY DIFFRACTION' ? 
s_non_zero_chiral_vol  0.000 ? ? ? 'X-RAY DIFFRACTION' ? 
s_anti_bump_dis_restr  0.000 ? ? ? 'X-RAY DIFFRACTION' ? 
s_rigid_bond_adp_cmpnt 0.006 ? ? ? 'X-RAY DIFFRACTION' ? 
s_similar_adp_cmpnt    0.020 ? ? ? 'X-RAY DIFFRACTION' ? 
s_approx_iso_adps      0.000 ? ? ? 'X-RAY DIFFRACTION' ? 
# 
_pdbx_refine.pdbx_refine_id                              'X-RAY DIFFRACTION' 
_pdbx_refine.entry_id                                    2YGI 
_pdbx_refine.R_factor_all_no_cutoff                      0.0763 
_pdbx_refine.R_factor_obs_no_cutoff                      0.0652 
_pdbx_refine.free_R_factor_no_cutoff                     0.0894 
_pdbx_refine.free_R_error_no_cutoff                      ? 
_pdbx_refine.free_R_val_test_set_size_perc_no_cutoff     5 
_pdbx_refine.free_R_val_test_set_ct_no_cutoff            685 
_pdbx_refine.R_factor_all_4sig_cutoff                    0.0656 
_pdbx_refine.R_factor_obs_4sig_cutoff                    0.0652 
_pdbx_refine.free_R_factor_4sig_cutoff                   0.0798 
_pdbx_refine.free_R_val_test_set_size_perc_4sig_cutoff   ? 
_pdbx_refine.free_R_val_test_set_ct_4sig_cutoff          ? 
_pdbx_refine.number_reflns_obs_4sig_cutoff               11933 
# 
_struct.entry_id                  2YGI 
_struct.title                     'Methanobactin HM1' 
_struct.pdbx_model_details        ? 
_struct.pdbx_CASP_flag            ? 
_struct.pdbx_model_type_details   ? 
# 
_struct_keywords.entry_id        2YGI 
_struct_keywords.pdbx_keywords   'METAL TRANSPORT' 
_struct_keywords.text            'METAL TRANSPORT, METHANOTROPHS' 
# 
loop_
_struct_asym.id 
_struct_asym.pdbx_blank_PDB_chainid_flag 
_struct_asym.pdbx_modified 
_struct_asym.entity_id 
_struct_asym.details 
A N N 1 ? 
B N N 1 ? 
C N N 1 ? 
D N N 1 ? 
E N N 2 ? 
F N N 2 ? 
G N N 2 ? 
H N N 2 ? 
I N N 3 ? 
J N N 3 ? 
K N N 3 ? 
L N N 3 ? 
# 
_struct_ref.id                         1 
_struct_ref.db_name                    PDB 
_struct_ref.db_code                    2YGI 
_struct_ref.entity_id                  1 
_struct_ref.pdbx_seq_one_letter_code   ? 
_struct_ref.pdbx_align_begin           ? 
_struct_ref.pdbx_db_accession          2YGI 
_struct_ref.pdbx_db_isoform            ? 
# 
loop_
_struct_ref_seq.align_id 
_struct_ref_seq.ref_id 
_struct_ref_seq.pdbx_PDB_id_code 
_struct_ref_seq.pdbx_strand_id 
_struct_ref_seq.seq_align_beg 
_struct_ref_seq.pdbx_seq_align_beg_ins_code 
_struct_ref_seq.seq_align_end 
_struct_ref_seq.pdbx_seq_align_end_ins_code 
_struct_ref_seq.pdbx_db_accession 
_struct_ref_seq.db_align_beg 
_struct_ref_seq.pdbx_db_align_beg_ins_code 
_struct_ref_seq.db_align_end 
_struct_ref_seq.pdbx_db_align_end_ins_code 
_struct_ref_seq.pdbx_auth_seq_align_beg 
_struct_ref_seq.pdbx_auth_seq_align_end 
1 1 2YGI A 1 ? 6 ? 2YGI 1 ? 6 ? 1 6 
2 1 2YGI B 1 ? 6 ? 2YGI 1 ? 6 ? 1 6 
3 1 2YGI C 1 ? 6 ? 2YGI 1 ? 6 ? 1 6 
4 1 2YGI D 1 ? 6 ? 2YGI 1 ? 6 ? 1 6 
# 
loop_
_pdbx_struct_assembly.id 
_pdbx_struct_assembly.details 
_pdbx_struct_assembly.method_details 
_pdbx_struct_assembly.oligomeric_details 
_pdbx_struct_assembly.oligomeric_count 
1 author_and_software_defined_assembly PISA monomeric 1 
2 author_and_software_defined_assembly PISA monomeric 1 
3 author_and_software_defined_assembly PISA monomeric 1 
4 author_and_software_defined_assembly PISA monomeric 1 
# 
loop_
_pdbx_struct_assembly_gen.assembly_id 
_pdbx_struct_assembly_gen.oper_expression 
_pdbx_struct_assembly_gen.asym_id_list 
1 1 A,E,I 
2 1 B,F,J 
3 1 C,G,K 
4 1 D,H,L 
# 
_pdbx_struct_oper_list.id                   1 
_pdbx_struct_oper_list.type                 'identity operation' 
_pdbx_struct_oper_list.name                 1_555 
_pdbx_struct_oper_list.symmetry_operation   x,y,z 
_pdbx_struct_oper_list.matrix[1][1]         1.0000000000 
_pdbx_struct_oper_list.matrix[1][2]         0.0000000000 
_pdbx_struct_oper_list.matrix[1][3]         0.0000000000 
_pdbx_struct_oper_list.vector[1]            0.0000000000 
_pdbx_struct_oper_list.matrix[2][1]         0.0000000000 
_pdbx_struct_oper_list.matrix[2][2]         1.0000000000 
_pdbx_struct_oper_list.matrix[2][3]         0.0000000000 
_pdbx_struct_oper_list.vector[2]            0.0000000000 
_pdbx_struct_oper_list.matrix[3][1]         0.0000000000 
_pdbx_struct_oper_list.matrix[3][2]         0.0000000000 
_pdbx_struct_oper_list.matrix[3][3]         1.0000000000 
_pdbx_struct_oper_list.vector[3]            0.0000000000 
# 
_struct_biol.id   1 
# 
loop_
_struct_conn.id 
_struct_conn.conn_type_id 
_struct_conn.pdbx_leaving_atom_flag 
_struct_conn.pdbx_PDB_id 
_struct_conn.ptnr1_label_asym_id 
_struct_conn.ptnr1_label_comp_id 
_struct_conn.ptnr1_label_seq_id 
_struct_conn.ptnr1_label_atom_id 
_struct_conn.pdbx_ptnr1_label_alt_id 
_struct_conn.pdbx_ptnr1_PDB_ins_code 
_struct_conn.pdbx_ptnr1_standard_comp_id 
_struct_conn.ptnr1_symmetry 
_struct_conn.ptnr2_label_asym_id 
_struct_conn.ptnr2_label_comp_id 
_struct_conn.ptnr2_label_seq_id 
_struct_conn.ptnr2_label_atom_id 
_struct_conn.pdbx_ptnr2_label_alt_id 
_struct_conn.pdbx_ptnr2_PDB_ins_code 
_struct_conn.ptnr1_auth_asym_id 
_struct_conn.ptnr1_auth_comp_id 
_struct_conn.ptnr1_auth_seq_id 
_struct_conn.ptnr2_auth_asym_id 
_struct_conn.ptnr2_auth_comp_id 
_struct_conn.ptnr2_auth_seq_id 
_struct_conn.ptnr2_symmetry 
_struct_conn.pdbx_ptnr3_label_atom_id 
_struct_conn.pdbx_ptnr3_label_seq_id 
_struct_conn.pdbx_ptnr3_label_comp_id 
_struct_conn.pdbx_ptnr3_label_asym_id 
_struct_conn.pdbx_ptnr3_label_alt_id 
_struct_conn.pdbx_ptnr3_PDB_ins_code 
_struct_conn.details 
_struct_conn.pdbx_dist_value 
_struct_conn.pdbx_value_order 
_struct_conn.pdbx_role 
covale1  covale both ? A HM7 1 C   ? ? ? 1_555 A ALA 2 N  ? ? A HM7 1 A ALA 2 1_555 ? ? ? ? ? ? ? 1.313 ? ? 
covale2  covale both ? A SER 3 C   ? ? ? 1_555 A HM8 4 N  ? ? A SER 3 A HM8 4 1_555 ? ? ? ? ? ? ? 1.327 ? ? 
covale3  covale both ? A HM8 4 C   ? ? ? 1_555 A ALA 5 N  ? ? A HM8 4 A ALA 5 1_555 ? ? ? ? ? ? ? 1.339 ? ? 
covale4  covale both ? B HM7 1 C   ? ? ? 1_555 B ALA 2 N  ? ? B HM7 1 B ALA 2 1_555 ? ? ? ? ? ? ? 1.336 ? ? 
covale5  covale both ? B SER 3 C   ? ? ? 1_555 B HM8 4 N  ? ? B SER 3 B HM8 4 1_555 ? ? ? ? ? ? ? 1.344 ? ? 
covale6  covale both ? B HM8 4 C   ? ? ? 1_555 B ALA 5 N  ? ? B HM8 4 B ALA 5 1_555 ? ? ? ? ? ? ? 1.328 ? ? 
covale7  covale both ? C HM7 1 C   ? ? ? 1_555 C ALA 2 N  ? ? C HM7 1 C ALA 2 1_555 ? ? ? ? ? ? ? 1.341 ? ? 
covale8  covale both ? C SER 3 C   ? ? ? 1_555 C HM8 4 N  ? ? C SER 3 C HM8 4 1_555 ? ? ? ? ? ? ? 1.341 ? ? 
covale9  covale both ? C HM8 4 C   ? ? ? 1_555 C ALA 5 N  ? ? C HM8 4 C ALA 5 1_555 ? ? ? ? ? ? ? 1.328 ? ? 
covale10 covale both ? D HM7 1 C   ? ? ? 1_555 D ALA 2 N  ? ? D HM7 1 D ALA 2 1_555 ? ? ? ? ? ? ? 1.354 ? ? 
covale11 covale both ? D SER 3 C   ? ? ? 1_555 D HM8 4 N  ? ? D SER 3 D HM8 4 1_555 ? ? ? ? ? ? ? 1.359 ? ? 
covale12 covale both ? D HM8 4 C   ? ? ? 1_555 D ALA 5 N  ? ? D HM8 4 D ALA 5 1_555 ? ? ? ? ? ? ? 1.335 ? ? 
metalc1  metalc ?    ? A HM7 1 NAB ? ? ? 1_555 E CU  . CU ? ? A HM7 1 A CU  7 1_555 ? ? ? ? ? ? ? 2.102 ? ? 
metalc2  metalc ?    ? A HM7 1 SAE ? ? ? 1_555 E CU  . CU ? ? A HM7 1 A CU  7 1_555 ? ? ? ? ? ? ? 2.243 ? ? 
metalc3  metalc ?    ? A HM8 4 NBA ? ? ? 1_555 E CU  . CU ? ? A HM8 4 A CU  7 1_555 ? ? ? ? ? ? ? 2.083 ? ? 
metalc4  metalc ?    ? A HM8 4 SBG ? ? ? 1_555 E CU  . CU ? ? A HM8 4 A CU  7 1_555 ? ? ? ? ? ? ? 2.294 ? ? 
metalc5  metalc ?    ? B HM7 1 NAB ? ? ? 1_555 F CU  . CU ? ? B HM7 1 B CU  7 1_555 ? ? ? ? ? ? ? 2.105 ? ? 
metalc6  metalc ?    ? B HM7 1 SAE ? ? ? 1_555 F CU  . CU ? ? B HM7 1 B CU  7 1_555 ? ? ? ? ? ? ? 2.252 ? ? 
metalc7  metalc ?    ? B HM8 4 NBA ? ? ? 1_555 F CU  . CU ? ? B HM8 4 B CU  7 1_555 ? ? ? ? ? ? ? 2.081 ? ? 
metalc8  metalc ?    ? B HM8 4 SBG ? ? ? 1_555 F CU  . CU ? ? B HM8 4 B CU  7 1_555 ? ? ? ? ? ? ? 2.296 ? ? 
metalc9  metalc ?    ? C HM7 1 NAB ? ? ? 1_555 G CU  . CU ? ? C HM7 1 C CU  7 1_555 ? ? ? ? ? ? ? 2.094 ? ? 
metalc10 metalc ?    ? C HM7 1 SAE ? ? ? 1_555 G CU  . CU ? ? C HM7 1 C CU  7 1_555 ? ? ? ? ? ? ? 2.254 ? ? 
metalc11 metalc ?    ? C HM8 4 NBA ? ? ? 1_555 G CU  . CU ? ? C HM8 4 C CU  7 1_555 ? ? ? ? ? ? ? 2.069 ? ? 
metalc12 metalc ?    ? C HM8 4 SBG ? ? ? 1_555 G CU  . CU ? ? C HM8 4 C CU  7 1_555 ? ? ? ? ? ? ? 2.288 ? ? 
metalc13 metalc ?    ? D HM7 1 SAE ? ? ? 1_555 H CU  . CU ? ? D HM7 1 D CU  7 1_555 ? ? ? ? ? ? ? 2.243 ? ? 
metalc14 metalc ?    ? D HM7 1 NAB ? ? ? 1_555 H CU  . CU ? ? D HM7 1 D CU  7 1_555 ? ? ? ? ? ? ? 2.091 ? ? 
metalc15 metalc ?    ? D HM8 4 NBA ? ? ? 1_555 H CU  . CU ? ? D HM8 4 D CU  7 1_555 ? ? ? ? ? ? ? 2.075 ? ? 
metalc16 metalc ?    ? D HM8 4 SBG ? ? ? 1_555 H CU  . CU ? ? D HM8 4 D CU  7 1_555 ? ? ? ? ? ? ? 2.301 ? ? 
# 
loop_
_struct_conn_type.id 
_struct_conn_type.criteria 
_struct_conn_type.reference 
covale ? ? 
metalc ? ? 
# 
loop_
_pdbx_struct_conn_angle.id 
_pdbx_struct_conn_angle.ptnr1_label_atom_id 
_pdbx_struct_conn_angle.ptnr1_label_alt_id 
_pdbx_struct_conn_angle.ptnr1_label_asym_id 
_pdbx_struct_conn_angle.ptnr1_label_comp_id 
_pdbx_struct_conn_angle.ptnr1_label_seq_id 
_pdbx_struct_conn_angle.ptnr1_auth_atom_id 
_pdbx_struct_conn_angle.ptnr1_auth_asym_id 
_pdbx_struct_conn_angle.ptnr1_auth_comp_id 
_pdbx_struct_conn_angle.ptnr1_auth_seq_id 
_pdbx_struct_conn_angle.ptnr1_PDB_ins_code 
_pdbx_struct_conn_angle.ptnr1_symmetry 
_pdbx_struct_conn_angle.ptnr2_label_atom_id 
_pdbx_struct_conn_angle.ptnr2_label_alt_id 
_pdbx_struct_conn_angle.ptnr2_label_asym_id 
_pdbx_struct_conn_angle.ptnr2_label_comp_id 
_pdbx_struct_conn_angle.ptnr2_label_seq_id 
_pdbx_struct_conn_angle.ptnr2_auth_atom_id 
_pdbx_struct_conn_angle.ptnr2_auth_asym_id 
_pdbx_struct_conn_angle.ptnr2_auth_comp_id 
_pdbx_struct_conn_angle.ptnr2_auth_seq_id 
_pdbx_struct_conn_angle.ptnr2_PDB_ins_code 
_pdbx_struct_conn_angle.ptnr2_symmetry 
_pdbx_struct_conn_angle.ptnr3_label_atom_id 
_pdbx_struct_conn_angle.ptnr3_label_alt_id 
_pdbx_struct_conn_angle.ptnr3_label_asym_id 
_pdbx_struct_conn_angle.ptnr3_label_comp_id 
_pdbx_struct_conn_angle.ptnr3_label_seq_id 
_pdbx_struct_conn_angle.ptnr3_auth_atom_id 
_pdbx_struct_conn_angle.ptnr3_auth_asym_id 
_pdbx_struct_conn_angle.ptnr3_auth_comp_id 
_pdbx_struct_conn_angle.ptnr3_auth_seq_id 
_pdbx_struct_conn_angle.ptnr3_PDB_ins_code 
_pdbx_struct_conn_angle.ptnr3_symmetry 
_pdbx_struct_conn_angle.value 
_pdbx_struct_conn_angle.value_esd 
1  NAB ? A HM7 1 ? A HM7 1 ? 1_555 CU ? E CU . ? A CU 7 ? 1_555 SAE ? A HM7 1 ? A HM7 1 ? 1_555 86.8  ? 
2  NAB ? A HM7 1 ? A HM7 1 ? 1_555 CU ? E CU . ? A CU 7 ? 1_555 NBA ? A HM8 4 ? A HM8 4 ? 1_555 110.1 ? 
3  SAE ? A HM7 1 ? A HM7 1 ? 1_555 CU ? E CU . ? A CU 7 ? 1_555 NBA ? A HM8 4 ? A HM8 4 ? 1_555 118.5 ? 
4  NAB ? A HM7 1 ? A HM7 1 ? 1_555 CU ? E CU . ? A CU 7 ? 1_555 SBG ? A HM8 4 ? A HM8 4 ? 1_555 127.0 ? 
5  SAE ? A HM7 1 ? A HM7 1 ? 1_555 CU ? E CU . ? A CU 7 ? 1_555 SBG ? A HM8 4 ? A HM8 4 ? 1_555 128.5 ? 
6  NBA ? A HM8 4 ? A HM8 4 ? 1_555 CU ? E CU . ? A CU 7 ? 1_555 SBG ? A HM8 4 ? A HM8 4 ? 1_555 87.9  ? 
7  NAB ? B HM7 1 ? B HM7 1 ? 1_555 CU ? F CU . ? B CU 7 ? 1_555 SAE ? B HM7 1 ? B HM7 1 ? 1_555 87.4  ? 
8  NAB ? B HM7 1 ? B HM7 1 ? 1_555 CU ? F CU . ? B CU 7 ? 1_555 NBA ? B HM8 4 ? B HM8 4 ? 1_555 109.3 ? 
9  SAE ? B HM7 1 ? B HM7 1 ? 1_555 CU ? F CU . ? B CU 7 ? 1_555 NBA ? B HM8 4 ? B HM8 4 ? 1_555 120.0 ? 
10 NAB ? B HM7 1 ? B HM7 1 ? 1_555 CU ? F CU . ? B CU 7 ? 1_555 SBG ? B HM8 4 ? B HM8 4 ? 1_555 124.9 ? 
11 SAE ? B HM7 1 ? B HM7 1 ? 1_555 CU ? F CU . ? B CU 7 ? 1_555 SBG ? B HM8 4 ? B HM8 4 ? 1_555 129.5 ? 
12 NBA ? B HM8 4 ? B HM8 4 ? 1_555 CU ? F CU . ? B CU 7 ? 1_555 SBG ? B HM8 4 ? B HM8 4 ? 1_555 87.6  ? 
13 NAB ? C HM7 1 ? C HM7 1 ? 1_555 CU ? G CU . ? C CU 7 ? 1_555 SAE ? C HM7 1 ? C HM7 1 ? 1_555 86.6  ? 
14 NAB ? C HM7 1 ? C HM7 1 ? 1_555 CU ? G CU . ? C CU 7 ? 1_555 NBA ? C HM8 4 ? C HM8 4 ? 1_555 110.6 ? 
15 SAE ? C HM7 1 ? C HM7 1 ? 1_555 CU ? G CU . ? C CU 7 ? 1_555 NBA ? C HM8 4 ? C HM8 4 ? 1_555 120.1 ? 
16 NAB ? C HM7 1 ? C HM7 1 ? 1_555 CU ? G CU . ? C CU 7 ? 1_555 SBG ? C HM8 4 ? C HM8 4 ? 1_555 124.9 ? 
17 SAE ? C HM7 1 ? C HM7 1 ? 1_555 CU ? G CU . ? C CU 7 ? 1_555 SBG ? C HM8 4 ? C HM8 4 ? 1_555 129.1 ? 
18 NBA ? C HM8 4 ? C HM8 4 ? 1_555 CU ? G CU . ? C CU 7 ? 1_555 SBG ? C HM8 4 ? C HM8 4 ? 1_555 87.8  ? 
19 SAE ? D HM7 1 ? D HM7 1 ? 1_555 CU ? H CU . ? D CU 7 ? 1_555 NAB ? D HM7 1 ? D HM7 1 ? 1_555 87.7  ? 
20 SAE ? D HM7 1 ? D HM7 1 ? 1_555 CU ? H CU . ? D CU 7 ? 1_555 NBA ? D HM8 4 ? D HM8 4 ? 1_555 118.3 ? 
21 NAB ? D HM7 1 ? D HM7 1 ? 1_555 CU ? H CU . ? D CU 7 ? 1_555 NBA ? D HM8 4 ? D HM8 4 ? 1_555 110.2 ? 
22 SAE ? D HM7 1 ? D HM7 1 ? 1_555 CU ? H CU . ? D CU 7 ? 1_555 SBG ? D HM8 4 ? D HM8 4 ? 1_555 128.2 ? 
23 NAB ? D HM7 1 ? D HM7 1 ? 1_555 CU ? H CU . ? D CU 7 ? 1_555 SBG ? D HM8 4 ? D HM8 4 ? 1_555 126.2 ? 
24 NBA ? D HM8 4 ? D HM8 4 ? 1_555 CU ? H CU . ? D CU 7 ? 1_555 SBG ? D HM8 4 ? D HM8 4 ? 1_555 88.0  ? 
# 
loop_
_pdbx_modification_feature.ordinal 
_pdbx_modification_feature.label_comp_id 
_pdbx_modification_feature.label_asym_id 
_pdbx_modification_feature.label_seq_id 
_pdbx_modification_feature.label_alt_id 
_pdbx_modification_feature.modified_residue_label_comp_id 
_pdbx_modification_feature.modified_residue_label_asym_id 
_pdbx_modification_feature.modified_residue_label_seq_id 
_pdbx_modification_feature.modified_residue_label_alt_id 
_pdbx_modification_feature.auth_comp_id 
_pdbx_modification_feature.auth_asym_id 
_pdbx_modification_feature.auth_seq_id 
_pdbx_modification_feature.PDB_ins_code 
_pdbx_modification_feature.symmetry 
_pdbx_modification_feature.modified_residue_auth_comp_id 
_pdbx_modification_feature.modified_residue_auth_asym_id 
_pdbx_modification_feature.modified_residue_auth_seq_id 
_pdbx_modification_feature.modified_residue_PDB_ins_code 
_pdbx_modification_feature.modified_residue_symmetry 
_pdbx_modification_feature.comp_id_linking_atom 
_pdbx_modification_feature.modified_residue_id_linking_atom 
_pdbx_modification_feature.modified_residue_id 
_pdbx_modification_feature.ref_pcm_id 
_pdbx_modification_feature.ref_comp_id 
_pdbx_modification_feature.type 
_pdbx_modification_feature.category 
1 HM7 A 1 ? . . . . HM7 A 1 ? 1_555 . . . . . . . ? 1 HM7 None 'Non-standard residue' 
2 HM8 A 4 ? . . . . HM8 A 4 ? 1_555 . . . . . . . ? 1 HM8 None 'Non-standard residue' 
3 HM7 B 1 ? . . . . HM7 B 1 ? 1_555 . . . . . . . ? 1 HM7 None 'Non-standard residue' 
4 HM8 B 4 ? . . . . HM8 B 4 ? 1_555 . . . . . . . ? 1 HM8 None 'Non-standard residue' 
5 HM7 C 1 ? . . . . HM7 C 1 ? 1_555 . . . . . . . ? 1 HM7 None 'Non-standard residue' 
6 HM8 C 4 ? . . . . HM8 C 4 ? 1_555 . . . . . . . ? 1 HM8 None 'Non-standard residue' 
7 HM7 D 1 ? . . . . HM7 D 1 ? 1_555 . . . . . . . ? 1 HM7 None 'Non-standard residue' 
8 HM8 D 4 ? . . . . HM8 D 4 ? 1_555 . . . . . . . ? 1 HM8 None 'Non-standard residue' 
# 
loop_
_struct_site.id 
_struct_site.pdbx_evidence_code 
_struct_site.pdbx_auth_asym_id 
_struct_site.pdbx_auth_comp_id 
_struct_site.pdbx_auth_seq_id 
_struct_site.pdbx_auth_ins_code 
_struct_site.pdbx_num_residues 
_struct_site.details 
AC1 Software A CU 7 ? 2 'BINDING SITE FOR RESIDUE CU A 7' 
AC2 Software B CU 7 ? 2 'BINDING SITE FOR RESIDUE CU B 7' 
AC3 Software C CU 7 ? 2 'BINDING SITE FOR RESIDUE CU C 7' 
AC4 Software D CU 7 ? 2 'BINDING SITE FOR RESIDUE CU D 7' 
# 
loop_
_struct_site_gen.id 
_struct_site_gen.site_id 
_struct_site_gen.pdbx_num_res 
_struct_site_gen.label_comp_id 
_struct_site_gen.label_asym_id 
_struct_site_gen.label_seq_id 
_struct_site_gen.pdbx_auth_ins_code 
_struct_site_gen.auth_comp_id 
_struct_site_gen.auth_asym_id 
_struct_site_gen.auth_seq_id 
_struct_site_gen.label_atom_id 
_struct_site_gen.label_alt_id 
_struct_site_gen.symmetry 
_struct_site_gen.details 
1 AC1 2 HM7 A 1 ? HM7 A 1 . ? 1_555 ? 
2 AC1 2 HM8 A 4 ? HM8 A 4 . ? 1_555 ? 
3 AC2 2 HM7 B 1 ? HM7 B 1 . ? 1_555 ? 
4 AC2 2 HM8 B 4 ? HM8 B 4 . ? 1_555 ? 
5 AC3 2 HM7 C 1 ? HM7 C 1 . ? 1_555 ? 
6 AC3 2 HM8 C 4 ? HM8 C 4 . ? 1_555 ? 
7 AC4 2 HM7 D 1 ? HM7 D 1 . ? 1_555 ? 
8 AC4 2 HM8 D 4 ? HM8 D 4 . ? 1_555 ? 
# 
_pdbx_entry_details.entry_id                   2YGI 
_pdbx_entry_details.compound_details           ? 
_pdbx_entry_details.source_details             ? 
_pdbx_entry_details.nonpolymer_details         ? 
_pdbx_entry_details.sequence_details           ? 
_pdbx_entry_details.has_ligand_of_interest     ? 
_pdbx_entry_details.has_protein_modification   Y 
# 
loop_
_pdbx_validate_rmsd_bond.id 
_pdbx_validate_rmsd_bond.PDB_model_num 
_pdbx_validate_rmsd_bond.auth_atom_id_1 
_pdbx_validate_rmsd_bond.auth_asym_id_1 
_pdbx_validate_rmsd_bond.auth_comp_id_1 
_pdbx_validate_rmsd_bond.auth_seq_id_1 
_pdbx_validate_rmsd_bond.PDB_ins_code_1 
_pdbx_validate_rmsd_bond.label_alt_id_1 
_pdbx_validate_rmsd_bond.auth_atom_id_2 
_pdbx_validate_rmsd_bond.auth_asym_id_2 
_pdbx_validate_rmsd_bond.auth_comp_id_2 
_pdbx_validate_rmsd_bond.auth_seq_id_2 
_pdbx_validate_rmsd_bond.PDB_ins_code_2 
_pdbx_validate_rmsd_bond.label_alt_id_2 
_pdbx_validate_rmsd_bond.bond_value 
_pdbx_validate_rmsd_bond.bond_target_value 
_pdbx_validate_rmsd_bond.bond_deviation 
_pdbx_validate_rmsd_bond.bond_standard_deviation 
_pdbx_validate_rmsd_bond.linker_flag 
1 1 N A ALA 6 ? ? CA  A ALA 6 ? B 1.618 1.459 0.159 0.020 N 
2 1 C A ALA 6 ? ? OXT A ALA 6 ? B 1.431 1.229 0.202 0.019 N 
# 
loop_
_pdbx_validate_rmsd_angle.id 
_pdbx_validate_rmsd_angle.PDB_model_num 
_pdbx_validate_rmsd_angle.auth_atom_id_1 
_pdbx_validate_rmsd_angle.auth_asym_id_1 
_pdbx_validate_rmsd_angle.auth_comp_id_1 
_pdbx_validate_rmsd_angle.auth_seq_id_1 
_pdbx_validate_rmsd_angle.PDB_ins_code_1 
_pdbx_validate_rmsd_angle.label_alt_id_1 
_pdbx_validate_rmsd_angle.auth_atom_id_2 
_pdbx_validate_rmsd_angle.auth_asym_id_2 
_pdbx_validate_rmsd_angle.auth_comp_id_2 
_pdbx_validate_rmsd_angle.auth_seq_id_2 
_pdbx_validate_rmsd_angle.PDB_ins_code_2 
_pdbx_validate_rmsd_angle.label_alt_id_2 
_pdbx_validate_rmsd_angle.auth_atom_id_3 
_pdbx_validate_rmsd_angle.auth_asym_id_3 
_pdbx_validate_rmsd_angle.auth_comp_id_3 
_pdbx_validate_rmsd_angle.auth_seq_id_3 
_pdbx_validate_rmsd_angle.PDB_ins_code_3 
_pdbx_validate_rmsd_angle.label_alt_id_3 
_pdbx_validate_rmsd_angle.angle_value 
_pdbx_validate_rmsd_angle.angle_target_value 
_pdbx_validate_rmsd_angle.angle_deviation 
_pdbx_validate_rmsd_angle.angle_standard_deviation 
_pdbx_validate_rmsd_angle.linker_flag 
1 1 CA A HM8 4 ? ? C  A HM8 4 ? ? N  A ALA 5 ? ? 136.27 117.20 19.07  2.20 Y 
2 1 N  A ALA 6 ? ? CA A ALA 6 ? B CB A ALA 6 ? B 101.43 110.10 -8.67  1.40 N 
3 1 CA B HM8 4 ? ? C  B HM8 4 ? ? N  B ALA 5 ? ? 138.22 117.20 21.02  2.20 Y 
4 1 CA C HM8 4 ? ? C  C HM8 4 ? ? N  C ALA 5 ? ? 138.09 117.20 20.89  2.20 Y 
5 1 CB D SER 3 ? B CA D SER 3 ? B C  D SER 3 ? ? 121.54 110.10 11.44  1.90 N 
6 1 N  D SER 3 ? ? CA D SER 3 ? A CB D SER 3 ? A 121.57 110.50 11.07  1.50 N 
7 1 N  D SER 3 ? ? CA D SER 3 ? B CB D SER 3 ? B 99.79  110.50 -10.71 1.50 N 
8 1 CA D HM8 4 ? ? C  D HM8 4 ? ? N  D ALA 5 ? ? 136.37 117.20 19.17  2.20 Y 
# 
loop_
_pdbx_validate_torsion.id 
_pdbx_validate_torsion.PDB_model_num 
_pdbx_validate_torsion.auth_comp_id 
_pdbx_validate_torsion.auth_asym_id 
_pdbx_validate_torsion.auth_seq_id 
_pdbx_validate_torsion.PDB_ins_code 
_pdbx_validate_torsion.label_alt_id 
_pdbx_validate_torsion.phi 
_pdbx_validate_torsion.psi 
1 1 SER B 3 ? ? -145.16 56.02 
2 1 SER C 3 ? ? -144.40 54.20 
3 1 SER D 3 ? ? -145.17 42.99 
# 
loop_
_chem_comp_atom.comp_id 
_chem_comp_atom.atom_id 
_chem_comp_atom.type_symbol 
_chem_comp_atom.pdbx_aromatic_flag 
_chem_comp_atom.pdbx_stereo_config 
_chem_comp_atom.pdbx_ordinal 
ALA N    N  N N 1  
ALA CA   C  N S 2  
ALA C    C  N N 3  
ALA O    O  N N 4  
ALA CB   C  N N 5  
ALA OXT  O  N N 6  
ALA H    H  N N 7  
ALA H2   H  N N 8  
ALA HA   H  N N 9  
ALA HB1  H  N N 10 
ALA HB2  H  N N 11 
ALA HB3  H  N N 12 
ALA HXT  H  N N 13 
CU  CU   CU N N 14 
HM7 CBS  C  N N 15 
HM7 CBR  C  N N 16 
HM7 CAA  C  N N 17 
HM7 NAB  N  N N 18 
HM7 CAI  C  N N 19 
HM7 OAJ  O  N N 20 
HM7 NAH  N  N N 21 
HM7 CAF  C  N N 22 
HM7 OAG  O  N N 23 
HM7 CA   C  N N 24 
HM7 C    C  N N 25 
HM7 SAE  S  N N 26 
HM7 CBU  C  N N 27 
HM7 SBT  S  N N 28 
HM7 OXT  O  N N 29 
HM7 HBS1 H  N N 30 
HM7 HBS2 H  N N 31 
HM7 HBR1 H  N N 32 
HM7 HBR2 H  N N 33 
HM7 HAJ  H  N N 34 
HM7 HAE  H  N N 35 
HM7 HBU1 H  N N 36 
HM7 HBU2 H  N N 37 
HM7 HBU3 H  N N 38 
HM7 HXT  H  N N 39 
HM8 N    N  N N 40 
HM8 CA   C  N S 41 
HM8 CAV  C  N R 42 
HM8 CAW  C  N N 43 
HM8 OBW  O  N N 44 
HM8 SBV  S  N N 45 
HM8 OBZ  O  N N 46 
HM8 OBY  O  N N 47 
HM8 OBX  O  N N 48 
HM8 CAZ  C  Y N 49 
HM8 NBA  N  Y N 50 
HM8 OBB  O  Y N 51 
HM8 CBC  C  Y N 52 
HM8 OBD  O  N N 53 
HM8 CAB  C  Y N 54 
HM8 C    C  N N 55 
HM8 SBG  S  N N 56 
HM8 OXT  O  N N 57 
HM8 H    H  N N 58 
HM8 H2   H  N N 59 
HM8 HA   H  N N 60 
HM8 HAV  H  N N 61 
HM8 HAW1 H  N N 62 
HM8 HAW2 H  N N 63 
HM8 HAW3 H  N N 64 
HM8 HBX  H  N N 65 
HM8 HBD  H  N N 66 
HM8 HXT  H  N N 67 
HOH O    O  N N 68 
HOH H1   H  N N 69 
HOH H2   H  N N 70 
SER N    N  N N 71 
SER CA   C  N S 72 
SER C    C  N N 73 
SER O    O  N N 74 
SER CB   C  N N 75 
SER OG   O  N N 76 
SER OXT  O  N N 77 
SER H    H  N N 78 
SER H2   H  N N 79 
SER HA   H  N N 80 
SER HB2  H  N N 81 
SER HB3  H  N N 82 
SER HG   H  N N 83 
SER HXT  H  N N 84 
# 
loop_
_chem_comp_bond.comp_id 
_chem_comp_bond.atom_id_1 
_chem_comp_bond.atom_id_2 
_chem_comp_bond.value_order 
_chem_comp_bond.pdbx_aromatic_flag 
_chem_comp_bond.pdbx_stereo_config 
_chem_comp_bond.pdbx_ordinal 
ALA N   CA   sing N N 1  
ALA N   H    sing N N 2  
ALA N   H2   sing N N 3  
ALA CA  C    sing N N 4  
ALA CA  CB   sing N N 5  
ALA CA  HA   sing N N 6  
ALA C   O    doub N N 7  
ALA C   OXT  sing N N 8  
ALA CB  HB1  sing N N 9  
ALA CB  HB2  sing N N 10 
ALA CB  HB3  sing N N 11 
ALA OXT HXT  sing N N 12 
HM7 CBS CBR  sing N N 13 
HM7 CBR CAA  sing N N 14 
HM7 CAA NAB  doub N N 15 
HM7 CAA CAI  sing N N 16 
HM7 NAB CA   sing N N 17 
HM7 CAI OAJ  sing N N 18 
HM7 CAI NAH  doub N N 19 
HM7 NAH CAF  sing N N 20 
HM7 CAF OAG  doub N N 21 
HM7 CAF CA   sing N N 22 
HM7 CA  C    doub N N 23 
HM7 C   SAE  sing N N 24 
HM7 C   OXT  sing N N 25 
HM7 CBS SBT  sing N N 26 
HM7 CBU SBT  sing N N 27 
HM7 CBS HBS1 sing N N 28 
HM7 CBS HBS2 sing N Z 29 
HM7 CBR HBR1 sing N N 30 
HM7 CBR HBR2 sing N N 31 
HM7 OAJ HAJ  sing N N 32 
HM7 SAE HAE  sing N N 33 
HM7 CBU HBU1 sing N N 34 
HM7 CBU HBU2 sing N N 35 
HM7 CBU HBU3 sing N N 36 
HM7 OXT HXT  sing N N 37 
HM8 N   CA   sing N N 38 
HM8 CA  CAV  sing N N 39 
HM8 CA  CAZ  sing N N 40 
HM8 CAV CAW  sing N N 41 
HM8 CAV OBW  sing N N 42 
HM8 OBW SBV  sing N N 43 
HM8 SBV OBZ  doub N N 44 
HM8 SBV OBY  doub N N 45 
HM8 SBV OBX  sing N N 46 
HM8 CAZ NBA  doub Y N 47 
HM8 CAZ OBB  sing Y N 48 
HM8 NBA CAB  sing Y N 49 
HM8 OBB CBC  sing Y N 50 
HM8 CBC OBD  sing N N 51 
HM8 CBC CAB  doub Y N 52 
HM8 CAB C    sing N N 53 
HM8 C   SBG  doub N N 54 
HM8 C   OXT  sing N N 55 
HM8 N   H    sing N N 56 
HM8 N   H2   sing N N 57 
HM8 CA  HA   sing N N 58 
HM8 CAV HAV  sing N N 59 
HM8 CAW HAW1 sing N N 60 
HM8 CAW HAW2 sing N N 61 
HM8 CAW HAW3 sing N N 62 
HM8 OBX HBX  sing N N 63 
HM8 OBD HBD  sing N N 64 
HM8 OXT HXT  sing N N 65 
HOH O   H1   sing N N 66 
HOH O   H2   sing N N 67 
SER N   CA   sing N N 68 
SER N   H    sing N N 69 
SER N   H2   sing N N 70 
SER CA  C    sing N N 71 
SER CA  CB   sing N N 72 
SER CA  HA   sing N N 73 
SER C   O    doub N N 74 
SER C   OXT  sing N N 75 
SER CB  OG   sing N N 76 
SER CB  HB2  sing N N 77 
SER CB  HB3  sing N N 78 
SER OG  HG   sing N N 79 
SER OXT HXT  sing N N 80 
# 
_atom_sites.entry_id                    2YGI 
_atom_sites.fract_transf_matrix[1][1]   0.09429612 
_atom_sites.fract_transf_matrix[1][2]   -0.05351735 
_atom_sites.fract_transf_matrix[1][3]   -0.02250933 
_atom_sites.fract_transf_matrix[2][1]   -0.01755060 
_atom_sites.fract_transf_matrix[2][2]   -0.04366979 
_atom_sites.fract_transf_matrix[2][3]   0.01418851 
_atom_sites.fract_transf_matrix[3][1]   -0.00895608 
_atom_sites.fract_transf_matrix[3][2]   0.01183298 
_atom_sites.fract_transf_matrix[3][3]   -0.04468309 
_atom_sites.fract_transf_vector[1]      -0.430475 
_atom_sites.fract_transf_vector[2]      0.053583 
_atom_sites.fract_transf_vector[3]      0.156931 
# 
loop_
_atom_type.symbol 
C  
CU 
N  
O  
S  
# 
loop_
_atom_site.group_PDB 
_atom_site.id 
_atom_site.type_symbol 
_atom_site.label_atom_id 
_atom_site.label_alt_id 
_atom_site.label_comp_id 
_atom_site.label_asym_id 
_atom_site.label_entity_id 
_atom_site.label_seq_id 
_atom_site.pdbx_PDB_ins_code 
_atom_site.Cartn_x 
_atom_site.Cartn_y 
_atom_site.Cartn_z 
_atom_site.occupancy 
_atom_site.B_iso_or_equiv 
_atom_site.pdbx_formal_charge 
_atom_site.auth_seq_id 
_atom_site.auth_comp_id 
_atom_site.auth_asym_id 
_atom_site.auth_atom_id 
_atom_site.pdbx_PDB_model_num 
HETATM 1   C  CBS . HM7 A 1 1 ? 6.423  2.551   -0.007  1.00 2.39  ? 1    HM7 A CBS 1 
HETATM 2   C  CBR . HM7 A 1 1 ? 6.151  2.881   1.486   1.00 1.81  ? 1    HM7 A CBR 1 
HETATM 3   C  CAA . HM7 A 1 1 ? 7.036  2.084   2.362   1.00 1.40  ? 1    HM7 A CAA 1 
HETATM 4   N  NAB . HM7 A 1 1 ? 6.593  0.933   2.857   1.00 1.50  ? 1    HM7 A NAB 1 
HETATM 5   C  CAI . HM7 A 1 1 ? 8.346  2.597   2.670   1.00 1.82  ? 1    HM7 A CAI 1 
HETATM 6   O  OAJ . HM7 A 1 1 ? 8.854  3.642   2.213   1.00 2.00  ? 1    HM7 A OAJ 1 
HETATM 7   N  NAH . HM7 A 1 1 ? 9.073  1.801   3.531   1.00 1.76  ? 1    HM7 A NAH 1 
HETATM 8   C  CAF . HM7 A 1 1 ? 8.683  0.615   4.097   1.00 1.54  ? 1    HM7 A CAF 1 
HETATM 9   O  OAG . HM7 A 1 1 ? 9.435  0.010   4.863   1.00 1.94  ? 1    HM7 A OAG 1 
HETATM 10  C  CA  . HM7 A 1 1 ? 7.335  0.173   3.679   1.00 1.60  ? 1    HM7 A CA  1 
HETATM 11  C  C   . HM7 A 1 1 ? 6.809  -1.094  4.142   1.00 1.99  ? 1    HM7 A C   1 
HETATM 12  S  SAE . HM7 A 1 1 ? 5.302  -1.661  3.590   1.00 1.97  ? 1    HM7 A SAE 1 
HETATM 13  C  CBU A HM7 A 1 1 ? 4.277  4.095   -0.875  0.37 2.13  ? 1    HM7 A CBU 1 
HETATM 14  C  CBU B HM7 A 1 1 ? 5.522  4.904   -1.073  0.63 2.81  ? 1    HM7 A CBU 1 
HETATM 15  S  SBT A HM7 A 1 1 ? 6.013  4.041   -1.176  0.37 1.98  ? 1    HM7 A SBT 1 
HETATM 16  S  SBT B HM7 A 1 1 ? 5.091  3.158   -1.071  0.63 2.09  ? 1    HM7 A SBT 1 
ATOM   17  N  N   . ALA A 1 2 ? 7.489  -1.786  5.027   1.00 2.22  ? 2    ALA A N   1 
ATOM   18  C  CA  . ALA A 1 2 ? 6.983  -3.044  5.581   1.00 2.40  ? 2    ALA A CA  1 
ATOM   19  C  C   . ALA A 1 2 ? 5.687  -2.823  6.371   1.00 2.08  ? 2    ALA A C   1 
ATOM   20  O  O   . ALA A 1 2 ? 4.878  -3.766  6.477   1.00 3.72  ? 2    ALA A O   1 
ATOM   21  C  CB  . ALA A 1 2 ? 8.016  -3.706  6.471   1.00 3.85  ? 2    ALA A CB  1 
ATOM   22  N  N   . SER A 1 3 ? 5.547  -1.665  6.989   1.00 2.24  ? 3    SER A N   1 
ATOM   23  C  CA  . SER A 1 3 ? 4.364  -1.313  7.771   1.00 2.41  ? 3    SER A CA  1 
ATOM   24  C  C   . SER A 1 3 ? 3.916  0.097   7.468   1.00 1.89  ? 3    SER A C   1 
ATOM   25  O  O   . SER A 1 3 ? 3.536  0.839   8.406   1.00 2.81  ? 3    SER A O   1 
ATOM   26  C  CB  . SER A 1 3 ? 4.623  -1.516  9.274   1.00 3.32  ? 3    SER A CB  1 
ATOM   27  O  OG  . SER A 1 3 ? 3.461  -1.315  10.028  1.00 4.39  ? 3    SER A OG  1 
HETATM 28  N  N   . HM8 A 1 4 ? 3.942  0.481   6.198   1.00 1.65  ? 4    HM8 A N   1 
HETATM 29  C  CA  . HM8 A 1 4 ? 3.686  1.863   5.817   1.00 1.52  ? 4    HM8 A CA  1 
HETATM 30  C  CAV . HM8 A 1 4 ? 5.051  2.617   5.719   1.00 1.82  ? 4    HM8 A CAV 1 
HETATM 31  C  CAW . HM8 A 1 4 ? 4.929  4.006   5.200   1.00 2.20  ? 4    HM8 A CAW 1 
HETATM 32  O  OBW . HM8 A 1 4 ? 5.527  2.689   7.093   1.00 1.84  ? 4    HM8 A OBW 1 
HETATM 33  S  SBV . HM8 A 1 4 ? 6.997  2.151   7.390   1.00 2.11  ? 4    HM8 A SBV 1 
HETATM 34  O  OBZ . HM8 A 1 4 ? 7.881  2.873   6.479   1.00 2.93  ? 4    HM8 A OBZ 1 
HETATM 35  O  OBY . HM8 A 1 4 ? 7.005  0.746   7.110   1.00 2.76  ? 4    HM8 A OBY 1 
HETATM 36  O  OBX . HM8 A 1 4 ? 7.158  2.493   8.773   1.00 3.64  ? 4    HM8 A OBX 1 
HETATM 37  C  CAZ . HM8 A 1 4 ? 2.941  1.961   4.532   1.00 1.60  ? 4    HM8 A CAZ 1 
HETATM 38  N  NBA . HM8 A 1 4 ? 3.242  1.430   3.392   1.00 1.49  ? 4    HM8 A NBA 1 
HETATM 39  O  OBB . HM8 A 1 4 ? 1.897  2.820   4.486   1.00 1.84  ? 4    HM8 A OBB 1 
HETATM 40  C  CBC . HM8 A 1 4 ? 1.467  2.837   3.096   1.00 1.73  ? 4    HM8 A CBC 1 
HETATM 41  O  OBD . HM8 A 1 4 ? 0.512  3.534   2.775   1.00 2.41  ? 4    HM8 A OBD 1 
HETATM 42  C  CAB . HM8 A 1 4 ? 2.332  1.931   2.486   1.00 1.44  ? 4    HM8 A CAB 1 
HETATM 43  C  C   . HM8 A 1 4 ? 2.369  1.543   1.107   1.00 1.50  ? 4    HM8 A C   1 
HETATM 44  S  SBG . HM8 A 1 4 ? 3.455  0.358   0.554   1.00 1.90  ? 4    HM8 A SBG 1 
ATOM   45  N  N   . ALA A 1 5 ? 1.532  2.195   0.289   1.00 1.70  ? 5    ALA A N   1 
ATOM   46  C  CA  . ALA A 1 5 ? 1.431  1.977   -1.147  1.00 2.15  ? 5    ALA A CA  1 
ATOM   47  C  C   . ALA A 1 5 ? 1.000  3.278   -1.798  1.00 3.22  ? 5    ALA A C   1 
ATOM   48  O  O   . ALA A 1 5 ? 0.179  3.994   -1.198  1.00 4.66  ? 5    ALA A O   1 
ATOM   49  C  CB  . ALA A 1 5 ? 0.421  0.874   -1.479  1.00 3.41  ? 5    ALA A CB  1 
ATOM   50  N  N   . ALA A 1 6 ? 1.517  3.513   -2.983  1.00 3.48  ? 6    ALA A N   1 
ATOM   51  C  CA  A ALA A 1 6 ? 1.312  4.757   -3.699  0.77 4.93  ? 6    ALA A CA  1 
ATOM   52  C  CA  B ALA A 1 6 ? 0.770  4.742   -3.723  0.23 3.05  ? 6    ALA A CA  1 
ATOM   53  C  C   . ALA A 1 6 ? 1.051  4.491   -5.180  1.00 3.09  ? 6    ALA A C   1 
ATOM   54  O  O   . ALA A 1 6 ? 1.523  3.515   -5.706  1.00 3.62  ? 6    ALA A O   1 
ATOM   55  C  CB  A ALA A 1 6 ? 2.466  5.725   -3.626  0.77 12.31 ? 6    ALA A CB  1 
ATOM   56  C  CB  B ALA A 1 6 ? 1.533  5.947   -3.157  0.23 2.05  ? 6    ALA A CB  1 
ATOM   57  O  OXT A ALA A 1 6 ? 0.237  5.343   -5.735  0.77 4.37  ? 6    ALA A OXT 1 
ATOM   58  O  OXT B ALA A 1 6 ? 1.497  5.701   -5.800  0.23 4.40  ? 6    ALA A OXT 1 
HETATM 59  C  CBS . HM7 B 1 1 ? -4.411 1.961   0.201   1.00 2.64  ? 1    HM7 B CBS 1 
HETATM 60  C  CBR . HM7 B 1 1 ? -3.851 2.241   -1.208  1.00 2.58  ? 1    HM7 B CBR 1 
HETATM 61  C  CAA . HM7 B 1 1 ? -4.899 2.775   -2.105  1.00 2.38  ? 1    HM7 B CAA 1 
HETATM 62  N  NAB . HM7 B 1 1 ? -5.587 1.963   -2.852  1.00 2.03  ? 1    HM7 B NAB 1 
HETATM 63  C  CAI . HM7 B 1 1 ? -5.187 4.176   -2.096  1.00 2.56  ? 1    HM7 B CAI 1 
HETATM 64  O  OAJ . HM7 B 1 1 ? -4.605 5.015   -1.335  1.00 3.10  ? 1    HM7 B OAJ 1 
HETATM 65  N  NAH . HM7 B 1 1 ? -6.147 4.620   -2.970  1.00 2.39  ? 1    HM7 B NAH 1 
HETATM 66  C  CAF . HM7 B 1 1 ? -6.856 3.793   -3.824  1.00 2.23  ? 1    HM7 B CAF 1 
HETATM 67  O  OAG . HM7 B 1 1 ? -7.671 4.334   -4.635  1.00 2.88  ? 1    HM7 B OAG 1 
HETATM 68  C  CA  . HM7 B 1 1 ? -6.576 2.423   -3.730  1.00 2.17  ? 1    HM7 B CA  1 
HETATM 69  C  C   . HM7 B 1 1 ? -7.299 1.411   -4.514  1.00 2.04  ? 1    HM7 B C   1 
HETATM 70  S  SAE . HM7 B 1 1 ? -7.074 -0.243  -4.263  1.00 2.35  ? 1    HM7 B SAE 1 
HETATM 71  C  CBU . HM7 B 1 1 ? -1.935 2.280   1.542   1.00 3.26  ? 1    HM7 B CBU 1 
HETATM 72  S  SBT . HM7 B 1 1 ? -3.246 1.056   1.268   1.00 2.67  ? 1    HM7 B SBT 1 
ATOM   73  N  N   . ALA B 1 2 ? -8.138 1.848   -5.458  1.00 2.92  ? 2    ALA B N   1 
ATOM   74  C  CA  . ALA B 1 2 ? -8.910 0.958   -6.338  1.00 3.08  ? 2    ALA B CA  1 
ATOM   75  C  C   . ALA B 1 2 ? -8.025 -0.009  -7.103  1.00 2.56  ? 2    ALA B C   1 
ATOM   76  O  O   . ALA B 1 2 ? -8.418 -1.163  -7.354  1.00 3.04  ? 2    ALA B O   1 
ATOM   77  C  CB  . ALA B 1 2 ? -9.738 1.797   -7.308  1.00 5.56  ? 2    ALA B CB  1 
ATOM   78  N  N   . SER B 1 3 ? -6.856 0.451   -7.531  1.00 2.45  ? 3    SER B N   1 
ATOM   79  C  CA  . SER B 1 3 ? -5.891 -0.391  -8.220  1.00 2.25  ? 3    SER B CA  1 
ATOM   80  C  C   . SER B 1 3 ? -4.488 0.054   -7.822  1.00 2.07  ? 3    SER B C   1 
ATOM   81  O  O   . SER B 1 3 ? -3.670 0.406   -8.666  1.00 3.00  ? 3    SER B O   1 
ATOM   82  C  CB  . SER B 1 3 ? -6.127 -0.442  -9.715  1.00 2.98  ? 3    SER B CB  1 
ATOM   83  O  OG  . SER B 1 3 ? -5.372 -1.481  -10.333 1.00 3.00  ? 3    SER B OG  1 
HETATM 84  N  N   . HM8 B 1 4 ? -4.248 0.053   -6.500  1.00 1.96  ? 4    HM8 B N   1 
HETATM 85  C  CA  . HM8 B 1 4 ? -3.015 0.573   -5.890  1.00 2.01  ? 4    HM8 B CA  1 
HETATM 86  C  CAV . HM8 B 1 4 ? -3.176 2.040   -5.493  1.00 2.62  ? 4    HM8 B CAV 1 
HETATM 87  C  CAW . HM8 B 1 4 ? -1.999 2.572   -4.709  1.00 3.51  ? 4    HM8 B CAW 1 
HETATM 88  O  OBW . HM8 B 1 4 ? -3.270 2.782   -6.761  1.00 3.46  ? 4    HM8 B OBW 1 
HETATM 89  S  SBV . HM8 B 1 4 ? -4.493 3.805   -6.901  1.00 4.20  ? 4    HM8 B SBV 1 
HETATM 90  O  OBZ . HM8 B 1 4 ? -4.520 4.580   -5.705  1.00 3.47  ? 4    HM8 B OBZ 1 
HETATM 91  O  OBY . HM8 B 1 4 ? -5.709 3.030   -7.093  1.00 5.41  ? 4    HM8 B OBY 1 
HETATM 92  O  OBX . HM8 B 1 4 ? -4.101 4.583   -8.081  1.00 7.22  ? 4    HM8 B OBX 1 
HETATM 93  C  CAZ . HM8 B 1 4 ? -2.644 -0.236  -4.712  1.00 1.55  ? 4    HM8 B CAZ 1 
HETATM 94  N  NBA . HM8 B 1 4 ? -3.376 -0.503  -3.681  1.00 2.00  ? 4    HM8 B NBA 1 
HETATM 95  O  OBB . HM8 B 1 4 ? -1.363 -0.652  -4.577  1.00 1.91  ? 4    HM8 B OBB 1 
HETATM 96  C  CBC . HM8 B 1 4 ? -1.280 -1.280  -3.289  1.00 1.54  ? 4    HM8 B CBC 1 
HETATM 97  O  OBD . HM8 B 1 4 ? -0.211 -1.751  -2.904  1.00 2.35  ? 4    HM8 B OBD 1 
HETATM 98  C  CAB . HM8 B 1 4 ? -2.564 -1.132  -2.735  1.00 1.86  ? 4    HM8 B CAB 1 
HETATM 99  C  C   . HM8 B 1 4 ? -3.033 -1.596  -1.515  1.00 1.64  ? 4    HM8 B C   1 
HETATM 100 S  SBG . HM8 B 1 4 ? -4.704 -1.417  -1.112  1.00 1.77  ? 4    HM8 B SBG 1 
ATOM   101 N  N   . ALA B 1 5 ? -2.156 -2.108  -0.660  1.00 1.89  ? 5    ALA B N   1 
ATOM   102 C  CA  . ALA B 1 5 ? -2.479 -2.560  0.706   1.00 2.04  ? 5    ALA B CA  1 
ATOM   103 C  C   . ALA B 1 5 ? -1.253 -2.376  1.553   1.00 2.15  ? 5    ALA B C   1 
ATOM   104 O  O   . ALA B 1 5 ? -0.127 -2.563  1.059   1.00 2.85  ? 5    ALA B O   1 
ATOM   105 C  CB  . ALA B 1 5 ? -2.907 -4.010  0.717   1.00 2.55  ? 5    ALA B CB  1 
ATOM   106 N  N   . ALA B 1 6 ? -1.438 -2.079  2.831   1.00 2.10  ? 6    ALA B N   1 
ATOM   107 C  CA  . ALA B 1 6 ? -0.340 -1.870  3.784   1.00 3.35  ? 6    ALA B CA  1 
ATOM   108 C  C   . ALA B 1 6 ? -0.621 -2.394  5.143   1.00 4.12  ? 6    ALA B C   1 
ATOM   109 O  O   . ALA B 1 6 ? 0.345  -2.499  5.901   1.00 8.44  ? 6    ALA B O   1 
ATOM   110 C  CB  . ALA B 1 6 ? 0.071  -0.452  3.828   1.00 6.07  ? 6    ALA B CB  1 
ATOM   111 O  OXT . ALA B 1 6 ? -1.806 -2.629  5.453   1.00 4.46  ? 6    ALA B OXT 1 
HETATM 112 C  CBS . HM7 C 1 1 ? 1.677  11.494  1.609   1.00 4.03  ? 1    HM7 C CBS 1 
HETATM 113 C  CBR . HM7 C 1 1 ? 2.276  11.815  0.210   1.00 3.52  ? 1    HM7 C CBR 1 
HETATM 114 C  CAA . HM7 C 1 1 ? 1.236  12.376  -0.699  1.00 3.18  ? 1    HM7 C CAA 1 
HETATM 115 N  NAB . HM7 C 1 1 ? 0.534  11.568  -1.463  1.00 2.67  ? 1    HM7 C NAB 1 
HETATM 116 C  CAI . HM7 C 1 1 ? 0.975  13.795  -0.660  1.00 2.98  ? 1    HM7 C CAI 1 
HETATM 117 O  OAJ . HM7 C 1 1 ? 1.541  14.603  0.120   1.00 3.48  ? 1    HM7 C OAJ 1 
HETATM 118 N  NAH . HM7 C 1 1 ? 0.005  14.246  -1.490  1.00 2.96  ? 1    HM7 C NAH 1 
HETATM 119 C  CAF . HM7 C 1 1 ? -0.692 13.451  -2.408  1.00 3.05  ? 1    HM7 C CAF 1 
HETATM 120 O  OAG . HM7 C 1 1 ? -1.490 14.012  -3.185  1.00 3.59  ? 1    HM7 C OAG 1 
HETATM 121 C  CA  . HM7 C 1 1 ? -0.430 12.061  -2.351  1.00 2.81  ? 1    HM7 C CA  1 
HETATM 122 C  C   . HM7 C 1 1 ? -1.142 11.095  -3.143  1.00 3.08  ? 1    HM7 C C   1 
HETATM 123 S  SAE . HM7 C 1 1 ? -0.973 9.435   -2.904  1.00 3.09  ? 1    HM7 C SAE 1 
HETATM 124 C  CBU . HM7 C 1 1 ? 4.101  11.729  3.016   1.00 3.13  ? 1    HM7 C CBU 1 
HETATM 125 S  SBT . HM7 C 1 1 ? 2.796  10.557  2.654   1.00 3.34  ? 1    HM7 C SBT 1 
ATOM   126 N  N   . ALA C 1 2 ? -1.917 11.557  -4.134  1.00 3.57  ? 2    ALA C N   1 
ATOM   127 C  CA  . ALA C 1 2 ? -2.659 10.706  -5.010  1.00 3.54  ? 2    ALA C CA  1 
ATOM   128 C  C   . ALA C 1 2 ? -1.755 9.718   -5.774  1.00 3.24  ? 2    ALA C C   1 
ATOM   129 O  O   . ALA C 1 2 ? -2.183 8.575   -6.032  1.00 3.73  ? 2    ALA C O   1 
ATOM   130 C  CB  . ALA C 1 2 ? -3.408 11.574  -6.112  1.00 5.35  ? 2    ALA C CB  1 
ATOM   131 N  N   . SER C 1 3 ? -0.581 10.134  -6.141  1.00 3.03  ? 3    SER C N   1 
ATOM   132 C  CA  . SER C 1 3 ? 0.400  9.268   -6.809  1.00 3.03  ? 3    SER C CA  1 
ATOM   133 C  C   . SER C 1 3 ? 1.807  9.639   -6.346  1.00 3.26  ? 3    SER C C   1 
ATOM   134 O  O   . SER C 1 3 ? 2.718  9.946   -7.116  1.00 4.51  ? 3    SER C O   1 
ATOM   135 C  CB  . SER C 1 3 ? 0.234  9.346   -8.323  1.00 4.62  ? 3    SER C CB  1 
ATOM   136 O  OG  . SER C 1 3 ? 0.987  8.344   -8.974  1.00 6.87  ? 3    SER C OG  1 
HETATM 137 N  N   . HM8 C 1 4 ? 1.971  9.629   -5.015  1.00 2.67  ? 4    HM8 C N   1 
HETATM 138 C  CA  . HM8 C 1 4 ? 3.188  10.079  -4.395  1.00 2.84  ? 4    HM8 C CA  1 
HETATM 139 C  CAV . HM8 C 1 4 ? 3.108  11.546  -3.953  1.00 3.68  ? 4    HM8 C CAV 1 
HETATM 140 C  CAW . HM8 C 1 4 ? 4.270  12.025  -3.093  1.00 4.24  ? 4    HM8 C CAW 1 
HETATM 141 O  OBW . HM8 C 1 4 ? 3.122  12.330  -5.222  1.00 4.37  ? 4    HM8 C OBW 1 
HETATM 142 S  SBV . HM8 C 1 4 ? 1.983  13.381  -5.458  1.00 4.54  ? 4    HM8 C SBV 1 
HETATM 143 O  OBZ . HM8 C 1 4 ? 0.843  12.658  -5.822  1.00 6.52  ? 4    HM8 C OBZ 1 
HETATM 144 O  OBY . HM8 C 1 4 ? 2.557  14.175  -6.541  1.00 5.76  ? 4    HM8 C OBY 1 
HETATM 145 O  OBX . HM8 C 1 4 ? 1.778  14.096  -4.233  1.00 5.78  ? 4    HM8 C OBX 1 
HETATM 146 C  CAZ . HM8 C 1 4 ? 3.484  9.247   -3.179  1.00 4.99  ? 4    HM8 C CAZ 1 
HETATM 147 N  NBA . HM8 C 1 4 ? 2.682  9.007   -2.196  1.00 2.00  ? 4    HM8 C NBA 1 
HETATM 148 O  OBB . HM8 C 1 4 ? 4.754  8.780   -2.999  1.00 2.84  ? 4    HM8 C OBB 1 
HETATM 149 C  CBC . HM8 C 1 4 ? 4.752  8.177   -1.700  1.00 2.56  ? 4    HM8 C CBC 1 
HETATM 150 O  OBD . HM8 C 1 4 ? 5.778  7.648   -1.276  1.00 3.24  ? 4    HM8 C OBD 1 
HETATM 151 C  CAB . HM8 C 1 4 ? 3.425  8.313   -1.226  1.00 2.21  ? 4    HM8 C CAB 1 
HETATM 152 C  C   . HM8 C 1 4 ? 2.897  7.937   -0.008  1.00 2.20  ? 4    HM8 C C   1 
HETATM 153 S  SBG . HM8 C 1 4 ? 1.225  8.187   0.326   1.00 2.45  ? 4    HM8 C SBG 1 
ATOM   154 N  N   . ALA C 1 5 ? 3.719  7.403   0.888   1.00 2.38  ? 5    ALA C N   1 
ATOM   155 C  CA  . ALA C 1 5 ? 3.339  7.025   2.248   1.00 2.10  ? 5    ALA C CA  1 
ATOM   156 C  C   . ALA C 1 5 ? 4.544  7.197   3.141   1.00 1.89  ? 5    ALA C C   1 
ATOM   157 O  O   . ALA C 1 5 ? 5.693  7.002   2.688   1.00 2.81  ? 5    ALA C O   1 
ATOM   158 C  CB  . ALA C 1 5 ? 2.849  5.598   2.316   1.00 3.62  ? 5    ALA C CB  1 
ATOM   159 N  N   . ALA C 1 6 ? 4.276  7.519   4.414   1.00 2.02  ? 6    ALA C N   1 
ATOM   160 C  CA  . ALA C 1 6 ? 5.353  7.656   5.414   1.00 2.71  ? 6    ALA C CA  1 
ATOM   161 C  C   . ALA C 1 6 ? 4.833  7.318   6.821   1.00 2.86  ? 6    ALA C C   1 
ATOM   162 O  O   . ALA C 1 6 ? 3.608  7.235   7.020   1.00 3.14  ? 6    ALA C O   1 
ATOM   163 C  CB  . ALA C 1 6 ? 5.926  9.061   5.411   1.00 3.62  ? 6    ALA C CB  1 
ATOM   164 O  OXT . ALA C 1 6 ? 5.733  7.156   7.686   1.00 4.04  ? 6    ALA C OXT 1 
HETATM 165 C  CBS . HM7 D 1 1 ? 0.718  -7.135  -1.336  1.00 1.80  ? 1    HM7 D CBS 1 
HETATM 166 C  CBR . HM7 D 1 1 ? 0.509  -6.831  0.151   1.00 1.64  ? 1    HM7 D CBR 1 
HETATM 167 C  CAA . HM7 D 1 1 ? 1.449  -7.621  0.995   1.00 1.62  ? 1    HM7 D CAA 1 
HETATM 168 N  NAB . HM7 D 1 1 ? 1.061  -8.798  1.434   1.00 1.92  ? 1    HM7 D NAB 1 
HETATM 169 C  CAI . HM7 D 1 1 ? 2.777  -7.102  1.259   1.00 1.73  ? 1    HM7 D CAI 1 
HETATM 170 O  OAJ . HM7 D 1 1 ? 3.224  -6.026  0.835   1.00 2.04  ? 1    HM7 D OAJ 1 
HETATM 171 N  NAH . HM7 D 1 1 ? 3.541  -7.911  2.049   1.00 1.87  ? 1    HM7 D NAH 1 
HETATM 172 C  CAF . HM7 D 1 1 ? 3.189  -9.121  2.609   1.00 1.81  ? 1    HM7 D CAF 1 
HETATM 173 O  OAG . HM7 D 1 1 ? 3.990  -9.723  3.351   1.00 2.13  ? 1    HM7 D OAG 1 
HETATM 174 C  CA  . HM7 D 1 1 ? 1.870  -9.593  2.218   1.00 1.79  ? 1    HM7 D CA  1 
HETATM 175 C  C   . HM7 D 1 1 ? 1.354  -10.872 2.631   1.00 2.06  ? 1    HM7 D C   1 
HETATM 176 S  SAE . HM7 D 1 1 ? -0.151 -11.453 2.152   1.00 2.25  ? 1    HM7 D SAE 1 
HETATM 177 C  CBU . HM7 D 1 1 ? -0.119 -4.624  -2.260  1.00 3.84  ? 1    HM7 D CBU 1 
HETATM 178 S  SBT . HM7 D 1 1 ? -0.534 -6.398  -2.406  1.00 2.48  ? 1    HM7 D SBT 1 
ATOM   179 N  N   . ALA D 1 2 ? 2.133  -11.596 3.469   1.00 3.09  ? 2    ALA D N   1 
ATOM   180 C  CA  . ALA D 1 2 ? 1.655  -12.859 4.065   1.00 3.67  ? 2    ALA D CA  1 
ATOM   181 C  C   . ALA D 1 2 ? 0.495  -12.623 5.049   1.00 4.06  ? 2    ALA D C   1 
ATOM   182 O  O   . ALA D 1 2 ? -0.197 -13.609 5.311   1.00 7.10  ? 2    ALA D O   1 
ATOM   183 C  CB  . ALA D 1 2 ? 2.832  -13.521 4.807   1.00 5.85  ? 2    ALA D CB  1 
ATOM   184 N  N   . SER D 1 3 ? 0.326  -11.436 5.527   1.00 3.09  ? 3    SER D N   1 
ATOM   185 C  CA  A SER D 1 3 ? -0.812 -11.118 6.416   0.62 4.20  ? 3    SER D CA  1 
ATOM   186 C  CA  B SER D 1 3 ? -0.604 -10.996 6.557   0.38 3.48  ? 3    SER D CA  1 
ATOM   187 C  C   . SER D 1 3 ? -1.303 -9.692  6.161   1.00 2.81  ? 3    SER D C   1 
ATOM   188 O  O   . SER D 1 3 ? -1.683 -8.954  7.087   1.00 3.57  ? 3    SER D O   1 
ATOM   189 C  CB  A SER D 1 3 ? -0.660 -11.112 7.949   0.62 4.24  ? 3    SER D CB  1 
ATOM   190 C  CB  B SER D 1 3 ? 0.316  -11.077 7.792   0.38 2.44  ? 3    SER D CB  1 
ATOM   191 O  OG  A SER D 1 3 ? -1.877 -10.961 8.713   0.62 5.72  ? 3    SER D OG  1 
ATOM   192 O  OG  B SER D 1 3 ? 0.998  -12.287 8.058   0.38 2.40  ? 3    SER D OG  1 
HETATM 193 N  N   . HM8 D 1 4 ? -1.397 -9.320  4.857   1.00 2.22  ? 4    HM8 D N   1 
HETATM 194 C  CA  . HM8 D 1 4 ? -1.720 -7.972  4.474   1.00 2.07  ? 4    HM8 D CA  1 
HETATM 195 C  CAV . HM8 D 1 4 ? -0.435 -7.136  4.291   1.00 2.07  ? 4    HM8 D CAV 1 
HETATM 196 C  CAW . HM8 D 1 4 ? -0.662 -5.732  3.748   1.00 2.82  ? 4    HM8 D CAW 1 
HETATM 197 O  OBW . HM8 D 1 4 ? 0.138  -7.011  5.626   1.00 2.20  ? 4    HM8 D OBW 1 
HETATM 198 S  SBV . HM8 D 1 4 ? 1.639  -7.520  5.848   1.00 2.32  ? 4    HM8 D SBV 1 
HETATM 199 O  OBZ . HM8 D 1 4 ? 2.429  -6.804  4.888   1.00 4.05  ? 4    HM8 D OBZ 1 
HETATM 200 O  OBY . HM8 D 1 4 ? 1.658  -8.918  5.628   1.00 3.12  ? 4    HM8 D OBY 1 
HETATM 201 O  OBX . HM8 D 1 4 ? 1.850  -7.112  7.213   1.00 4.45  ? 4    HM8 D OBX 1 
HETATM 202 C  CAZ . HM8 D 1 4 ? -2.539 -7.909  3.210   1.00 2.28  ? 4    HM8 D CAZ 1 
HETATM 203 N  NBA . HM8 D 1 4 ? -2.272 -8.412  2.078   1.00 1.71  ? 4    HM8 D NBA 1 
HETATM 204 O  OBB . HM8 D 1 4 ? -3.587 -7.018  3.205   1.00 2.37  ? 4    HM8 D OBB 1 
HETATM 205 C  CBC . HM8 D 1 4 ? -4.032 -6.970  1.827   1.00 1.67  ? 4    HM8 D CBC 1 
HETATM 206 O  OBD . HM8 D 1 4 ? -4.958 -6.255  1.530   1.00 2.06  ? 4    HM8 D OBD 1 
HETATM 207 C  CAB . HM8 D 1 4 ? -3.188 -7.882  1.171   1.00 1.50  ? 4    HM8 D CAB 1 
HETATM 208 C  C   . HM8 D 1 4 ? -3.159 -8.200  -0.213  1.00 1.28  ? 4    HM8 D C   1 
HETATM 209 S  SBG . HM8 D 1 4 ? -2.104 -9.401  -0.796  1.00 1.56  ? 4    HM8 D SBG 1 
ATOM   210 N  N   . ALA D 1 5 ? -3.984 -7.511  -1.005  1.00 1.52  ? 5    ALA D N   1 
ATOM   211 C  CA  . ALA D 1 5 ? -4.039 -7.693  -2.467  1.00 1.73  ? 5    ALA D CA  1 
ATOM   212 C  C   . ALA D 1 5 ? -4.466 -6.347  -3.055  1.00 1.99  ? 5    ALA D C   1 
ATOM   213 O  O   . ALA D 1 5 ? -5.258 -5.632  -2.468  1.00 3.04  ? 5    ALA D O   1 
ATOM   214 C  CB  . ALA D 1 5 ? -5.051 -8.781  -2.845  1.00 2.85  ? 5    ALA D CB  1 
ATOM   215 N  N   . ALA D 1 6 ? -3.945 -6.096  -4.268  1.00 2.47  ? 6    ALA D N   1 
ATOM   216 C  CA  . ALA D 1 6 ? -4.212 -4.852  -4.950  1.00 3.18  ? 6    ALA D CA  1 
ATOM   217 C  C   . ALA D 1 6 ? -4.450 -5.068  -6.464  1.00 2.99  ? 6    ALA D C   1 
ATOM   218 O  O   . ALA D 1 6 ? -4.041 -6.087  -7.002  1.00 3.44  ? 6    ALA D O   1 
ATOM   219 C  CB  . ALA D 1 6 ? -3.060 -3.861  -4.815  1.00 6.86  ? 6    ALA D CB  1 
ATOM   220 O  OXT . ALA D 1 6 ? -5.048 -4.096  -7.027  1.00 5.58  ? 6    ALA D OXT 1 
HETATM 221 CU CU  . CU  E 2 . ? 4.660  0.191   2.499   1.00 1.71  ? 7    CU  A CU  1 
HETATM 222 CU CU  . CU  F 2 . ? -5.273 -0.117  -2.917  1.00 1.99  ? 7    CU  B CU  1 
HETATM 223 CU CU  . CU  G 2 . ? 0.793  9.491   -1.504  1.00 2.53  ? 7    CU  C CU  1 
HETATM 224 CU CU  . CU  H 2 . ? -0.851 -9.586  1.125   1.00 1.74  ? 7    CU  D CU  1 
HETATM 225 O  O   . HOH I 3 . ? 9.163  5.089   5.298   1.00 5.34  ? 2001 HOH A O   1 
HETATM 226 O  O   A HOH I 3 . ? 8.444  6.577   2.933   0.56 3.31  ? 2002 HOH A O   1 
HETATM 227 O  O   B HOH I 3 . ? 8.228  7.206   3.869   0.44 5.33  ? 2002 HOH A O   1 
HETATM 228 O  O   . HOH I 3 . ? 10.614 2.369   7.035   1.00 6.24  ? 2003 HOH A O   1 
HETATM 229 O  O   . HOH I 3 . ? 2.698  -3.837  4.184   1.00 9.13  ? 2004 HOH A O   1 
HETATM 230 O  O   . HOH I 3 . ? 4.524  -2.318  12.472  1.00 4.80  ? 2005 HOH A O   1 
HETATM 231 O  O   . HOH I 3 . ? 1.179  -2.671  11.783  1.00 14.59 ? 2006 HOH A O   1 
HETATM 232 O  O   . HOH I 3 . ? 5.843  5.495   9.822   1.00 6.07  ? 2007 HOH A O   1 
HETATM 233 O  O   . HOH I 3 . ? 8.720  4.778   9.738   1.00 63.60 ? 2008 HOH A O   1 
HETATM 234 O  O   . HOH I 3 . ? -1.859 5.940   -1.455  1.00 6.23  ? 2009 HOH A O   1 
HETATM 235 O  O   . HOH I 3 . ? -1.680 6.461   -4.168  1.00 6.15  ? 2010 HOH A O   1 
HETATM 236 O  O   . HOH I 3 . ? -0.405 5.891   -8.231  1.00 14.75 ? 2011 HOH A O   1 
HETATM 237 O  O   . HOH J 3 . ? -7.875 6.896   -5.676  1.00 12.45 ? 2001 HOH B O   1 
HETATM 238 O  O   . HOH J 3 . ? -7.254 -3.305  -5.528  1.00 6.62  ? 2002 HOH B O   1 
HETATM 239 O  O   . HOH J 3 . ? -2.455 2.801   -9.629  1.00 15.18 ? 2003 HOH B O   1 
HETATM 240 O  O   . HOH J 3 . ? -3.777 -0.586  -12.489 1.00 4.55  ? 2004 HOH B O   1 
HETATM 241 O  O   . HOH J 3 . ? -6.231 -4.008  -9.443  1.00 4.78  ? 2005 HOH B O   1 
HETATM 242 O  O   . HOH J 3 . ? 2.578  -3.249  1.448   1.00 5.61  ? 2006 HOH B O   1 
HETATM 243 O  O   . HOH J 3 . ? 0.458  -4.230  7.922   1.00 12.34 ? 2007 HOH B O   1 
HETATM 244 O  O   A HOH J 3 . ? -2.624 -2.279  8.001   0.46 2.99  ? 2008 HOH B O   1 
HETATM 245 O  O   B HOH J 3 . ? -2.632 -3.297  8.048   0.54 10.58 ? 2008 HOH B O   1 
HETATM 246 O  O   . HOH K 3 . ? 0.202  10.067  4.040   1.00 87.74 ? 2001 HOH C O   1 
HETATM 247 O  O   . HOH K 3 . ? 2.280  8.921   -11.337 1.00 5.23  ? 2002 HOH C O   1 
HETATM 248 O  O   . HOH K 3 . ? -1.003 14.504  -6.992  1.00 49.76 ? 2003 HOH C O   1 
HETATM 249 O  O   . HOH K 3 . ? 8.429  6.761   7.485   1.00 7.77  ? 2004 HOH C O   1 
HETATM 250 O  O   . HOH L 3 . ? -0.894 -11.727 11.200  1.00 6.46  ? 2001 HOH D O   1 
HETATM 251 O  O   . HOH L 3 . ? -7.244 -3.657  -2.769  1.00 5.97  ? 2002 HOH D O   1 
# 
loop_
_atom_site_anisotrop.id 
_atom_site_anisotrop.type_symbol 
_atom_site_anisotrop.pdbx_label_atom_id 
_atom_site_anisotrop.pdbx_label_alt_id 
_atom_site_anisotrop.pdbx_label_comp_id 
_atom_site_anisotrop.pdbx_label_asym_id 
_atom_site_anisotrop.pdbx_label_seq_id 
_atom_site_anisotrop.pdbx_PDB_ins_code 
_atom_site_anisotrop.U[1][1] 
_atom_site_anisotrop.U[2][2] 
_atom_site_anisotrop.U[3][3] 
_atom_site_anisotrop.U[1][2] 
_atom_site_anisotrop.U[1][3] 
_atom_site_anisotrop.U[2][3] 
_atom_site_anisotrop.pdbx_auth_seq_id 
_atom_site_anisotrop.pdbx_auth_comp_id 
_atom_site_anisotrop.pdbx_auth_asym_id 
_atom_site_anisotrop.pdbx_auth_atom_id 
1   C  CBS . HM7 A 1 ? 0.0267 0.0445 0.0198 0.0150  -0.0087 0.0006  1    HM7 A CBS 
2   C  CBR . HM7 A 1 ? 0.0175 0.0282 0.0229 -0.0008 0.0051  0.0117  1    HM7 A CBR 
3   C  CAA . HM7 A 1 ? 0.0090 0.0244 0.0200 -0.0069 0.0030  0.0035  1    HM7 A CAA 
4   N  NAB . HM7 A 1 ? 0.0211 0.0257 0.0103 0.0028  0.0063  0.0077  1    HM7 A NAB 
5   C  CAI . HM7 A 1 ? 0.0214 0.0291 0.0188 -0.0099 -0.0003 0.0132  1    HM7 A CAI 
6   O  OAJ . HM7 A 1 ? 0.0216 0.0251 0.0292 -0.0092 0.0022  0.0108  1    HM7 A OAJ 
7   N  NAH . HM7 A 1 ? 0.0147 0.0293 0.0227 -0.0097 -0.0010 0.0072  1    HM7 A NAH 
8   C  CAF . HM7 A 1 ? 0.0067 0.0262 0.0257 -0.0070 0.0003  0.0061  1    HM7 A CAF 
9   O  OAG . HM7 A 1 ? 0.0129 0.0381 0.0227 -0.0046 -0.0069 0.0121  1    HM7 A OAG 
10  C  CA  . HM7 A 1 ? 0.0096 0.0315 0.0197 -0.0062 -0.0013 0.0135  1    HM7 A CA  
11  C  C   . HM7 A 1 ? 0.0178 0.0283 0.0294 -0.0045 -0.0048 0.0111  1    HM7 A C   
12  S  SAE . HM7 A 1 ? 0.0208 0.0283 0.0256 -0.0101 -0.0046 0.0077  1    HM7 A SAE 
13  C  CBU A HM7 A 1 ? 0.0139 0.0270 0.0402 0.0129  0.0106  0.0011  1    HM7 A CBU 
14  C  CBU B HM7 A 1 ? 0.0302 0.0316 0.0450 0.0063  0.0010  0.0184  1    HM7 A CBU 
15  S  SBT A HM7 A 1 ? 0.0101 0.0412 0.0240 0.0043  0.0055  0.0204  1    HM7 A SBT 
16  S  SBT B HM7 A 1 ? 0.0253 0.0271 0.0270 -0.0029 -0.0065 0.0111  1    HM7 A SBT 
17  N  N   . ALA A 2 ? 0.0271 0.0329 0.0243 -0.0084 -0.0104 0.0180  2    ALA A N   
18  C  CA  . ALA A 2 ? 0.0245 0.0324 0.0344 -0.0101 -0.0019 0.0139  2    ALA A CA  
19  C  C   . ALA A 2 ? 0.0326 0.0189 0.0276 -0.0043 -0.0051 0.0151  2    ALA A C   
20  O  O   . ALA A 2 ? 0.0460 0.0307 0.0648 -0.0113 0.0218  0.0009  2    ALA A O   
21  C  CB  . ALA A 2 ? 0.0432 0.0552 0.0481 -0.0117 -0.0133 0.0395  2    ALA A CB  
22  N  N   . SER A 3 ? 0.0320 0.0254 0.0278 -0.0100 0.0010  0.0127  3    SER A N   
23  C  CA  . SER A 3 ? 0.0344 0.0288 0.0284 -0.0032 0.0052  0.0067  3    SER A CA  
24  C  C   . SER A 3 ? 0.0207 0.0301 0.0211 -0.0095 0.0050  0.0096  3    SER A C   
25  O  O   . SER A 3 ? 0.0472 0.0380 0.0215 -0.0031 0.0106  0.0073  3    SER A O   
26  C  CB  . SER A 3 ? 0.0489 0.0429 0.0342 0.0101  0.0037  0.0168  3    SER A CB  
27  O  OG  . SER A 3 ? 0.0691 0.0735 0.0243 0.0196  0.0132  0.0257  3    SER A OG  
28  N  N   . HM8 A 4 ? 0.0268 0.0240 0.0118 -0.0063 0.0035  0.0014  4    HM8 A N   
29  C  CA  . HM8 A 4 ? 0.0161 0.0224 0.0194 -0.0071 0.0008  0.0021  4    HM8 A CA  
30  C  CAV . HM8 A 4 ? 0.0171 0.0386 0.0132 -0.0133 -0.0049 0.0141  4    HM8 A CAV 
31  C  CAW . HM8 A 4 ? 0.0241 0.0329 0.0266 -0.0079 -0.0130 0.0155  4    HM8 A CAW 
32  O  OBW . HM8 A 4 ? 0.0243 0.0317 0.0137 -0.0036 -0.0048 0.0028  4    HM8 A OBW 
33  S  SBV . HM8 A 4 ? 0.0240 0.0288 0.0274 -0.0054 -0.0141 0.0095  4    HM8 A SBV 
34  O  OBZ . HM8 A 4 ? 0.0214 0.0307 0.0592 -0.0074 -0.0026 0.0206  4    HM8 A OBZ 
35  O  OBY . HM8 A 4 ? 0.0376 0.0242 0.0429 -0.0037 -0.0156 0.0124  4    HM8 A OBY 
36  O  OBX . HM8 A 4 ? 0.0528 0.0601 0.0255 -0.0016 -0.0274 -0.0012 4    HM8 A OBX 
37  C  CAZ . HM8 A 4 ? 0.0088 0.0326 0.0194 -0.0096 -0.0010 0.0040  4    HM8 A CAZ 
38  N  NBA . HM8 A 4 ? 0.0115 0.0249 0.0204 -0.0098 0.0047  0.0022  4    HM8 A NBA 
39  O  OBB . HM8 A 4 ? 0.0156 0.0449 0.0096 0.0005  0.0042  0.0028  4    HM8 A OBB 
40  C  CBC . HM8 A 4 ? 0.0132 0.0425 0.0101 -0.0071 0.0039  0.0044  4    HM8 A CBC 
41  O  OBD . HM8 A 4 ? 0.0147 0.0489 0.0279 0.0087  -0.0080 0.0007  4    HM8 A OBD 
42  C  CAB . HM8 A 4 ? 0.0032 0.0312 0.0204 -0.0065 0.0044  0.0059  4    HM8 A CAB 
43  C  C   . HM8 A 4 ? 0.0088 0.0304 0.0177 -0.0129 -0.0025 0.0056  4    HM8 A C   
44  S  SBG . HM8 A 4 ? 0.0190 0.0377 0.0155 -0.0048 -0.0005 0.0004  4    HM8 A SBG 
45  N  N   . ALA A 5 ? 0.0197 0.0272 0.0175 0.0012  0.0029  0.0036  5    ALA A N   
46  C  CA  . ALA A 5 ? 0.0394 0.0276 0.0146 -0.0021 -0.0107 0.0022  5    ALA A CA  
47  C  C   . ALA A 5 ? 0.0563 0.0424 0.0237 0.0111  -0.0075 0.0059  5    ALA A C   
48  O  O   . ALA A 5 ? 0.0924 0.0591 0.0255 0.0350  -0.0053 0.0000  5    ALA A O   
49  C  CB  . ALA A 5 ? 0.0419 0.0466 0.0409 -0.0052 -0.0160 -0.0007 5    ALA A CB  
50  N  N   . ALA A 6 ? 0.0812 0.0334 0.0174 0.0112  -0.0058 0.0052  6    ALA A N   
51  C  CA  A ALA A 6 ? 0.1327 0.0344 0.0203 0.0331  -0.0190 0.0022  6    ALA A CA  
52  C  CA  B ALA A 6 ? 0.0522 0.0512 0.0125 0.0195  -0.0309 -0.0077 6    ALA A CA  
53  C  C   . ALA A 6 ? 0.0595 0.0376 0.0203 0.0101  0.0005  0.0162  6    ALA A C   
54  O  O   . ALA A 6 ? 0.0839 0.0322 0.0215 -0.0024 0.0159  0.0087  6    ALA A O   
55  C  CB  A ALA A 6 ? 0.3087 0.0242 0.1349 -0.0613 -0.1308 0.0270  6    ALA A CB  
56  C  CB  B ALA A 6 ? 0.0315 0.0336 0.0130 0.0090  -0.0049 0.0215  6    ALA A CB  
57  O  OXT A ALA A 6 ? 0.0733 0.0661 0.0268 0.0208  -0.0128 0.0185  6    ALA A OXT 
58  O  OXT B ALA A 6 ? 0.0662 0.0377 0.0632 -0.0006 -0.0110 0.0253  6    ALA A OXT 
59  C  CBS . HM7 B 1 ? 0.0233 0.0583 0.0185 -0.0018 -0.0039 0.0091  1    HM7 B CBS 
60  C  CBR . HM7 B 1 ? 0.0286 0.0431 0.0263 0.0044  0.0030  -0.0008 1    HM7 B CBR 
61  C  CAA . HM7 B 1 ? 0.0310 0.0365 0.0231 0.0025  0.0067  0.0034  1    HM7 B CAA 
62  N  NAB . HM7 B 1 ? 0.0211 0.0337 0.0223 0.0096  0.0042  0.0002  1    HM7 B NAB 
63  C  CAI . HM7 B 1 ? 0.0272 0.0420 0.0280 0.0033  0.0037  -0.0018 1    HM7 B CAI 
64  O  OAJ . HM7 B 1 ? 0.0453 0.0426 0.0298 -0.0006 -0.0032 0.0020  1    HM7 B OAJ 
65  N  NAH . HM7 B 1 ? 0.0321 0.0332 0.0254 0.0084  0.0066  0.0032  1    HM7 B NAH 
66  C  CAF . HM7 B 1 ? 0.0316 0.0364 0.0169 0.0128  0.0086  0.0038  1    HM7 B CAF 
67  O  OAG . HM7 B 1 ? 0.0336 0.0497 0.0262 0.0193  0.0029  0.0039  1    HM7 B OAG 
68  C  CA  . HM7 B 1 ? 0.0231 0.0377 0.0218 0.0115  0.0053  -0.0011 1    HM7 B CA  
69  C  C   . HM7 B 1 ? 0.0162 0.0407 0.0206 0.0104  0.0031  0.0012  1    HM7 B C   
70  S  SAE . HM7 B 1 ? 0.0232 0.0395 0.0265 0.0079  0.0016  0.0034  1    HM7 B SAE 
71  C  CBU . HM7 B 1 ? 0.0220 0.0628 0.0389 -0.0071 0.0064  -0.0063 1    HM7 B CBU 
72  S  SBT . HM7 B 1 ? 0.0252 0.0416 0.0347 -0.0015 -0.0071 0.0084  1    HM7 B SBT 
73  N  N   . ALA B 2 ? 0.0411 0.0461 0.0238 0.0174  -0.0081 -0.0031 2    ALA B N   
74  C  CA  . ALA B 2 ? 0.0338 0.0569 0.0264 0.0128  -0.0052 -0.0042 2    ALA B CA  
75  C  C   . ALA B 2 ? 0.0295 0.0525 0.0155 0.0159  -0.0028 0.0101  2    ALA B C   
76  O  O   . ALA B 2 ? 0.0327 0.0455 0.0375 0.0111  -0.0029 -0.0024 2    ALA B O   
77  C  CB  . ALA B 2 ? 0.0508 0.1089 0.0516 0.0568  -0.0300 -0.0304 2    ALA B CB  
78  N  N   . SER B 3 ? 0.0377 0.0313 0.0239 0.0191  -0.0017 -0.0015 3    SER B N   
79  C  CA  . SER B 3 ? 0.0295 0.0383 0.0178 0.0142  0.0045  0.0018  3    SER B CA  
80  C  C   . SER B 3 ? 0.0369 0.0220 0.0199 0.0011  0.0095  0.0039  3    SER B C   
81  O  O   . SER B 3 ? 0.0443 0.0437 0.0262 0.0065  0.0205  0.0058  3    SER B O   
82  C  CB  . SER B 3 ? 0.0384 0.0586 0.0162 0.0242  0.0014  0.0123  3    SER B CB  
83  O  OG  . SER B 3 ? 0.0441 0.0487 0.0211 0.0095  0.0070  -0.0036 3    SER B OG  
84  N  N   . HM8 B 4 ? 0.0198 0.0299 0.0248 0.0024  0.0096  0.0114  4    HM8 B N   
85  C  CA  . HM8 B 4 ? 0.0245 0.0274 0.0245 0.0002  0.0091  0.0079  4    HM8 B CA  
86  C  CAV . HM8 B 4 ? 0.0436 0.0297 0.0264 0.0005  0.0039  0.0107  4    HM8 B CAV 
87  C  CAW . HM8 B 4 ? 0.0388 0.0410 0.0534 -0.0107 0.0131  0.0001  4    HM8 B CAW 
88  O  OBW . HM8 B 4 ? 0.0815 0.0254 0.0245 0.0030  0.0202  0.0155  4    HM8 B OBW 
89  S  SBV . HM8 B 4 ? 0.1038 0.0296 0.0262 0.0050  -0.0069 0.0081  4    HM8 B SBV 
90  O  OBZ . HM8 B 4 ? 0.0644 0.0354 0.0321 -0.0022 0.0017  -0.0018 4    HM8 B OBZ 
91  O  OBY . HM8 B 4 ? 0.1019 0.0199 0.0838 0.0033  -0.0542 -0.0003 4    HM8 B OBY 
92  O  OBX . HM8 B 4 ? 0.2099 0.0374 0.0271 0.0153  0.0125  0.0222  4    HM8 B OBX 
93  C  CAZ . HM8 B 4 ? 0.0160 0.0215 0.0215 -0.0063 0.0094  0.0035  4    HM8 B CAZ 
94  N  NBA . HM8 B 4 ? 0.0174 0.0307 0.0279 0.0013  0.0042  0.0097  4    HM8 B NBA 
95  O  OBB . HM8 B 4 ? 0.0188 0.0348 0.0191 -0.0021 0.0093  0.0098  4    HM8 B OBB 
96  C  CBC . HM8 B 4 ? 0.0198 0.0155 0.0233 -0.0046 0.0089  0.0053  4    HM8 B CBC 
97  O  OBD . HM8 B 4 ? 0.0169 0.0411 0.0313 0.0004  0.0027  0.0042  4    HM8 B OBD 
98  C  CAB . HM8 B 4 ? 0.0152 0.0309 0.0247 -0.0044 0.0038  0.0043  4    HM8 B CAB 
99  C  C   . HM8 B 4 ? 0.0226 0.0182 0.0213 -0.0037 0.0051  0.0044  4    HM8 B C   
100 S  SBG . HM8 B 4 ? 0.0125 0.0336 0.0211 0.0004  0.0070  0.0117  4    HM8 B SBG 
101 N  N   . ALA B 5 ? 0.0101 0.0351 0.0264 -0.0002 0.0089  0.0075  5    ALA B N   
102 C  CA  . ALA B 5 ? 0.0182 0.0342 0.0251 -0.0046 0.0018  0.0135  5    ALA B CA  
103 C  C   . ALA B 5 ? 0.0187 0.0295 0.0335 -0.0028 0.0043  0.0144  5    ALA B C   
104 O  O   . ALA B 5 ? 0.0200 0.0555 0.0331 -0.0010 0.0047  0.0111  5    ALA B O   
105 C  CB  . ALA B 5 ? 0.0210 0.0296 0.0462 0.0010  -0.0075 0.0126  5    ALA B CB  
106 N  N   . ALA B 6 ? 0.0166 0.0371 0.0258 -0.0095 -0.0014 0.0104  6    ALA B N   
107 C  CA  . ALA B 6 ? 0.0250 0.0617 0.0406 -0.0272 -0.0114 0.0148  6    ALA B CA  
108 C  C   . ALA B 6 ? 0.0409 0.0706 0.0451 -0.0248 -0.0134 0.0298  6    ALA B C   
109 O  O   . ALA B 6 ? 0.0772 0.1591 0.0842 -0.0643 -0.0547 0.0731  6    ALA B O   
110 C  CB  . ALA B 6 ? 0.0916 0.0729 0.0662 -0.0575 -0.0450 0.0308  6    ALA B CB  
111 O  OXT . ALA B 6 ? 0.0571 0.0798 0.0328 -0.0347 -0.0020 0.0123  6    ALA B OXT 
112 C  CBS . HM7 C 1 ? 0.0384 0.0814 0.0336 0.0280  -0.0255 -0.0175 1    HM7 C CBS 
113 C  CBR . HM7 C 1 ? 0.0343 0.0558 0.0438 0.0202  -0.0150 -0.0238 1    HM7 C CBR 
114 C  CAA . HM7 C 1 ? 0.0270 0.0594 0.0344 0.0178  -0.0018 -0.0183 1    HM7 C CAA 
115 N  NAB . HM7 C 1 ? 0.0164 0.0579 0.0272 0.0182  0.0004  -0.0146 1    HM7 C NAB 
116 C  CAI . HM7 C 1 ? 0.0274 0.0622 0.0239 0.0223  0.0000  -0.0113 1    HM7 C CAI 
117 O  OAJ . HM7 C 1 ? 0.0431 0.0497 0.0397 0.0181  -0.0074 -0.0100 1    HM7 C OAJ 
118 N  NAH . HM7 C 1 ? 0.0293 0.0591 0.0239 0.0162  0.0086  0.0034  1    HM7 C NAH 
119 C  CAF . HM7 C 1 ? 0.0211 0.0735 0.0213 0.0219  0.0000  -0.0002 1    HM7 C CAF 
120 O  OAG . HM7 C 1 ? 0.0346 0.0799 0.0218 0.0297  0.0067  0.0099  1    HM7 C OAG 
121 C  CA  . HM7 C 1 ? 0.0208 0.0663 0.0196 0.0180  0.0024  -0.0082 1    HM7 C CA  
122 C  C   . HM7 C 1 ? 0.0215 0.0741 0.0216 0.0285  -0.0017 -0.0134 1    HM7 C C   
123 S  SAE . HM7 C 1 ? 0.0261 0.0677 0.0234 0.0069  -0.0008 -0.0045 1    HM7 C SAE 
124 C  CBU . HM7 C 1 ? 0.0241 0.0647 0.0300 -0.0058 -0.0031 -0.0015 1    HM7 C CBU 
125 S  SBT . HM7 C 1 ? 0.0321 0.0429 0.0519 0.0091  -0.0245 -0.0091 1    HM7 C SBT 
126 N  N   . ALA C 2 ? 0.0268 0.0827 0.0262 0.0314  -0.0078 -0.0190 2    ALA C N   
127 C  CA  . ALA C 2 ? 0.0230 0.0896 0.0221 0.0114  -0.0065 -0.0096 2    ALA C CA  
128 C  C   . ALA C 2 ? 0.0328 0.0689 0.0213 0.0164  -0.0145 -0.0071 2    ALA C C   
129 O  O   . ALA C 2 ? 0.0399 0.0838 0.0181 0.0052  -0.0077 0.0040  2    ALA C O   
130 C  CB  . ALA C 2 ? 0.0449 0.1118 0.0465 0.0479  -0.0281 -0.0191 2    ALA C CB  
131 N  N   . SER C 3 ? 0.0283 0.0644 0.0224 0.0212  0.0016  -0.0048 3    SER C N   
132 C  CA  . SER C 3 ? 0.0407 0.0571 0.0173 0.0219  0.0085  0.0019  3    SER C CA  
133 C  C   . SER C 3 ? 0.0328 0.0599 0.0310 0.0221  0.0119  0.0101  3    SER C C   
134 O  O   . SER C 3 ? 0.0441 0.0858 0.0416 0.0281  0.0269  0.0103  3    SER C O   
135 C  CB  . SER C 3 ? 0.0492 0.1070 0.0194 0.0568  -0.0004 0.0059  3    SER C CB  
136 O  OG  . SER C 3 ? 0.1129 0.1274 0.0209 0.0820  0.0027  -0.0016 3    SER C OG  
137 N  N   . HM8 C 4 ? 0.0268 0.0427 0.0320 0.0108  0.0141  0.0039  4    HM8 C N   
138 C  CA  . HM8 C 4 ? 0.0220 0.0493 0.0367 0.0064  0.0190  0.0037  4    HM8 C CA  
139 C  CAV . HM8 C 4 ? 0.0362 0.0491 0.0545 0.0047  0.0116  0.0000  4    HM8 C CAV 
140 C  CAW . HM8 C 4 ? 0.0426 0.0452 0.0733 0.0026  0.0137  -0.0130 4    HM8 C CAW 
141 O  OBW . HM8 C 4 ? 0.0559 0.0440 0.0662 0.0179  0.0344  0.0183  4    HM8 C OBW 
142 S  SBV . HM8 C 4 ? 0.0545 0.0520 0.0659 0.0159  0.0148  0.0032  4    HM8 C SBV 
143 O  OBZ . HM8 C 4 ? 0.0511 0.0810 0.1157 0.0191  0.0069  -0.0034 4    HM8 C OBZ 
144 O  OBY . HM8 C 4 ? 0.0714 0.0706 0.0767 0.0188  0.0091  0.0297  4    HM8 C OBY 
145 O  OBX . HM8 C 4 ? 0.0894 0.0519 0.0785 0.0299  0.0242  -0.0126 4    HM8 C OBX 
146 C  CAZ . HM8 C 4 ? 0.0527 0.0784 0.0586 0.0024  0.0063  0.0132  4    HM8 C CAZ 
147 N  NBA . HM8 C 4 ? 0.0165 0.0345 0.0251 0.0040  0.0032  0.0033  4    HM8 C NBA 
148 O  OBB . HM8 C 4 ? 0.0165 0.0513 0.0399 0.0009  0.0119  -0.0001 4    HM8 C OBB 
149 C  CBC . HM8 C 4 ? 0.0224 0.0324 0.0425 0.0022  0.0091  -0.0116 4    HM8 C CBC 
150 O  OBD . HM8 C 4 ? 0.0137 0.0613 0.0480 0.0162  -0.0074 -0.0132 4    HM8 C OBD 
151 C  CAB . HM8 C 4 ? 0.0116 0.0442 0.0282 0.0103  -0.0010 -0.0034 4    HM8 C CAB 
152 C  C   . HM8 C 4 ? 0.0193 0.0359 0.0282 -0.0021 -0.0014 0.0011  4    HM8 C C   
153 S  SBG . HM8 C 4 ? 0.0149 0.0554 0.0228 0.0069  0.0016  0.0036  4    HM8 C SBG 
154 N  N   . ALA C 5 ? 0.0189 0.0383 0.0331 0.0012  -0.0044 -0.0058 5    ALA C N   
155 C  CA  . ALA C 5 ? 0.0222 0.0268 0.0310 -0.0018 -0.0071 0.0026  5    ALA C CA  
156 C  C   . ALA C 5 ? 0.0199 0.0180 0.0341 0.0063  -0.0032 0.0095  5    ALA C C   
157 O  O   . ALA C 5 ? 0.0167 0.0539 0.0361 0.0024  -0.0043 0.0151  5    ALA C O   
158 C  CB  . ALA C 5 ? 0.0300 0.0354 0.0721 -0.0094 -0.0164 0.0065  5    ALA C CB  
159 N  N   . ALA C 6 ? 0.0116 0.0296 0.0355 -0.0081 -0.0124 0.0111  6    ALA C N   
160 C  CA  . ALA C 6 ? 0.0186 0.0512 0.0332 -0.0120 -0.0127 0.0177  6    ALA C CA  
161 C  C   . ALA C 6 ? 0.0334 0.0402 0.0349 -0.0163 -0.0143 0.0105  6    ALA C C   
162 O  O   . ALA C 6 ? 0.0253 0.0464 0.0475 -0.0186 -0.0091 0.0151  6    ALA C O   
163 C  CB  . ALA C 6 ? 0.0464 0.0428 0.0484 -0.0247 -0.0156 0.0118  6    ALA C CB  
164 O  OXT . ALA C 6 ? 0.0310 0.0800 0.0424 -0.0144 -0.0176 0.0222  6    ALA C OXT 
165 C  CBS . HM7 D 1 ? 0.0172 0.0323 0.0189 0.0066  0.0047  0.0053  1    HM7 D CBS 
166 C  CBR . HM7 D 1 ? 0.0184 0.0231 0.0208 0.0032  0.0040  0.0073  1    HM7 D CBR 
167 C  CAA . HM7 D 1 ? 0.0156 0.0269 0.0193 -0.0047 0.0040  0.0061  1    HM7 D CAA 
168 N  NAB . HM7 D 1 ? 0.0223 0.0285 0.0222 0.0034  0.0024  0.0096  1    HM7 D NAB 
169 C  CAI . HM7 D 1 ? 0.0151 0.0379 0.0126 -0.0085 0.0032  0.0073  1    HM7 D CAI 
170 O  OAJ . HM7 D 1 ? 0.0245 0.0243 0.0287 -0.0034 0.0062  0.0071  1    HM7 D OAJ 
171 N  NAH . HM7 D 1 ? 0.0156 0.0378 0.0179 -0.0060 0.0042  0.0101  1    HM7 D NAH 
172 C  CAF . HM7 D 1 ? 0.0130 0.0331 0.0228 -0.0115 -0.0008 0.0064  1    HM7 D CAF 
173 O  OAG . HM7 D 1 ? 0.0149 0.0418 0.0242 -0.0065 -0.0039 0.0123  1    HM7 D OAG 
174 C  CA  . HM7 D 1 ? 0.0162 0.0361 0.0159 -0.0039 -0.0109 0.0166  1    HM7 D CA  
175 C  C   . HM7 D 1 ? 0.0116 0.0408 0.0259 -0.0020 -0.0077 0.0201  1    HM7 D C   
176 S  SAE . HM7 D 1 ? 0.0148 0.0312 0.0396 -0.0070 -0.0109 0.0184  1    HM7 D SAE 
177 C  CBU . HM7 D 1 ? 0.0432 0.0325 0.0702 0.0011  0.0307  0.0215  1    HM7 D CBU 
178 S  SBT . HM7 D 1 ? 0.0285 0.0348 0.0311 0.0025  -0.0030 0.0119  1    HM7 D SBT 
179 N  N   . ALA D 2 ? 0.0123 0.0537 0.0515 -0.0180 -0.0168 0.0394  2    ALA D N   
180 C  CA  . ALA D 2 ? 0.0275 0.0470 0.0649 -0.0060 -0.0126 0.0365  2    ALA D CA  
181 C  C   . ALA D 2 ? 0.0568 0.0402 0.0569 -0.0334 -0.0053 0.0158  2    ALA D C   
182 O  O   . ALA D 2 ? 0.1056 0.0481 0.1162 -0.0486 0.0603  -0.0146 2    ALA D O   
183 C  CB  . ALA D 2 ? 0.0455 0.0712 0.1054 -0.0218 -0.0474 0.0685  2    ALA D CB  
184 N  N   . SER D 3 ? 0.0421 0.0334 0.0421 -0.0223 -0.0218 0.0211  3    SER D N   
185 C  CA  A SER D 3 ? 0.0888 0.0332 0.0375 -0.0424 -0.0059 0.0055  3    SER D CA  
186 C  CA  B SER D 3 ? 0.0813 0.0347 0.0162 -0.0359 -0.0157 0.0157  3    SER D CA  
187 C  C   . SER D 3 ? 0.0241 0.0541 0.0287 -0.0242 -0.0049 0.0064  3    SER D C   
188 O  O   . SER D 3 ? 0.0361 0.0749 0.0245 -0.0101 0.0057  0.0078  3    SER D O   
189 C  CB  A SER D 3 ? 0.0745 0.0352 0.0513 -0.0033 0.0099  0.0283  3    SER D CB  
190 C  CB  B SER D 3 ? 0.0165 0.0381 0.0382 -0.0148 -0.0034 0.0137  3    SER D CB  
191 O  OG  A SER D 3 ? 0.0835 0.0738 0.0601 -0.0058 0.0075  0.0511  3    SER D OG  
192 O  OG  B SER D 3 ? 0.0400 0.0247 0.0265 -0.0084 -0.0063 -0.0028 3    SER D OG  
193 N  N   . HM8 D 4 ? 0.0270 0.0397 0.0177 -0.0180 -0.0003 0.0034  4    HM8 D N   
194 C  CA  . HM8 D 4 ? 0.0129 0.0448 0.0209 -0.0058 0.0004  -0.0002 4    HM8 D CA  
195 C  CAV . HM8 D 4 ? 0.0175 0.0432 0.0181 -0.0078 -0.0094 0.0120  4    HM8 D CAV 
196 C  CAW . HM8 D 4 ? 0.0326 0.0425 0.0321 -0.0025 -0.0023 0.0153  4    HM8 D CAW 
197 O  OBW . HM8 D 4 ? 0.0226 0.0450 0.0161 -0.0062 -0.0080 0.0059  4    HM8 D OBW 
198 S  SBV . HM8 D 4 ? 0.0209 0.0325 0.0349 -0.0115 -0.0143 0.0131  4    HM8 D SBV 
199 O  OBZ . HM8 D 4 ? 0.0184 0.0622 0.0734 -0.0028 0.0048  0.0436  4    HM8 D OBZ 
200 O  OBY . HM8 D 4 ? 0.0228 0.0381 0.0577 -0.0130 -0.0189 0.0043  4    HM8 D OBY 
201 O  OBX . HM8 D 4 ? 0.0549 0.0718 0.0422 0.0050  -0.0327 -0.0055 4    HM8 D OBX 
202 C  CAZ . HM8 D 4 ? 0.0094 0.0623 0.0149 -0.0035 -0.0003 0.0019  4    HM8 D CAZ 
203 N  NBA . HM8 D 4 ? 0.0121 0.0273 0.0256 -0.0107 -0.0026 0.0026  4    HM8 D NBA 
204 O  OBB . HM8 D 4 ? 0.0124 0.0592 0.0185 -0.0029 -0.0012 -0.0040 4    HM8 D OBB 
205 C  CBC . HM8 D 4 ? 0.0039 0.0410 0.0185 -0.0048 0.0023  0.0007  4    HM8 D CBC 
206 O  OBD . HM8 D 4 ? 0.0169 0.0374 0.0239 -0.0008 0.0028  0.0014  4    HM8 D OBD 
207 C  CAB . HM8 D 4 ? 0.0116 0.0264 0.0189 -0.0108 0.0014  -0.0004 4    HM8 D CAB 
208 C  C   . HM8 D 4 ? 0.0112 0.0195 0.0179 -0.0062 0.0063  0.0059  4    HM8 D C   
209 S  SBG . HM8 D 4 ? 0.0139 0.0305 0.0150 -0.0001 -0.0005 0.0062  4    HM8 D SBG 
210 N  N   . ALA D 5 ? 0.0160 0.0301 0.0116 0.0058  0.0047  0.0075  5    ALA D N   
211 C  CA  . ALA D 5 ? 0.0202 0.0296 0.0158 0.0062  -0.0015 -0.0013 5    ALA D CA  
212 C  C   . ALA D 5 ? 0.0224 0.0334 0.0196 0.0013  0.0000  0.0096  5    ALA D C   
213 O  O   . ALA D 5 ? 0.0422 0.0474 0.0262 0.0248  0.0088  0.0067  5    ALA D O   
214 C  CB  . ALA D 5 ? 0.0400 0.0346 0.0338 -0.0096 -0.0137 0.0100  5    ALA D CB  
215 N  N   . ALA D 6 ? 0.0384 0.0337 0.0216 0.0077  0.0079  0.0083  6    ALA D N   
216 C  CA  . ALA D 6 ? 0.0634 0.0349 0.0225 0.0232  0.0017  0.0142  6    ALA D CA  
217 C  C   . ALA D 6 ? 0.0381 0.0496 0.0260 0.0043  -0.0055 0.0113  6    ALA D C   
218 O  O   . ALA D 6 ? 0.0710 0.0425 0.0173 -0.0167 0.0123  0.0074  6    ALA D O   
219 C  CB  . ALA D 6 ? 0.1710 0.0363 0.0533 -0.0348 -0.0502 0.0195  6    ALA D CB  
220 O  OXT . ALA D 6 ? 0.1150 0.0748 0.0220 0.0324  -0.0212 0.0182  6    ALA D OXT 
221 CU CU  . CU  E . ? 0.0136 0.0341 0.0173 -0.0051 -0.0012 0.0052  7    CU  A CU  
222 CU CU  . CU  F . ? 0.0193 0.0346 0.0218 0.0064  0.0059  0.0093  7    CU  B CU  
223 CU CU  . CU  G . ? 0.0205 0.0521 0.0236 0.0103  0.0002  0.0009  7    CU  C CU  
224 CU CU  . CU  H . ? 0.0119 0.0336 0.0205 -0.0019 -0.0024 0.0087  7    CU  D CU  
225 O  O   . HOH I . ? 0.0785 0.0607 0.0636 -0.0260 -0.0109 0.0231  2001 HOH A O   
226 O  O   A HOH I . ? 0.0285 0.0523 0.0450 0.0187  0.0025  0.0100  2002 HOH A O   
227 O  O   B HOH I . ? 0.0487 0.0714 0.0823 -0.0050 0.0010  -0.0026 2002 HOH A O   
228 O  O   . HOH I . ? 0.0350 0.1094 0.0929 -0.0013 -0.0201 0.0576  2003 HOH A O   
229 O  O   . HOH I . ? 0.1113 0.1805 0.0550 -0.0711 -0.0394 0.0526  2004 HOH A O   
230 O  O   . HOH I . ? 0.0743 0.0711 0.0370 0.0121  0.0047  0.0135  2005 HOH A O   
231 O  O   . HOH I . ? 0.2545 0.1424 0.1573 -0.0237 0.0762  0.0295  2006 HOH A O   
232 O  O   . HOH I . ? 0.0663 0.1084 0.0560 -0.0099 0.0065  0.0224  2007 HOH A O   
233 O  O   . HOH I . ? 0.3565 0.5827 1.4772 -0.4100 -0.6735 0.8987  2008 HOH A O   
234 O  O   . HOH I . ? 0.0864 0.0844 0.0660 0.0322  -0.0016 0.0027  2009 HOH A O   
235 O  O   . HOH I . ? 0.0993 0.0729 0.0614 0.0121  -0.0162 0.0212  2010 HOH A O   
236 O  O   . HOH I . ? 0.3250 0.1748 0.0605 0.1414  -0.0952 -0.0508 2011 HOH A O   
237 O  O   . HOH J . ? 0.2703 0.0741 0.1285 -0.0367 -0.0726 0.0337  2001 HOH B O   
238 O  O   . HOH J . ? 0.1210 0.0851 0.0455 0.0363  -0.0314 0.0069  2002 HOH B O   
239 O  O   . HOH J . ? 0.3457 0.1403 0.0909 -0.0156 0.1232  0.0044  2003 HOH B O   
240 O  O   . HOH J . ? 0.0628 0.0676 0.0425 0.0006  0.0003  0.0167  2004 HOH B O   
241 O  O   . HOH J . ? 0.0800 0.0661 0.0356 0.0017  -0.0080 0.0096  2005 HOH B O   
242 O  O   . HOH J . ? 0.0330 0.1063 0.0740 0.0071  0.0018  0.0371  2006 HOH B O   
243 O  O   . HOH J . ? 0.1494 0.1970 0.1225 -0.0764 -0.0842 0.0801  2007 HOH B O   
244 O  O   A HOH J . ? 0.0303 0.0229 0.0603 -0.0192 0.0097  0.0168  2008 HOH B O   
245 O  O   B HOH J . ? 0.1009 0.2229 0.0783 -0.0554 -0.0169 0.0963  2008 HOH B O   
246 O  O   . HOH K . ? 1.6087 0.1439 1.5814 -0.1597 1.2077  -0.1198 2001 HOH C O   
247 O  O   . HOH K . ? 0.0663 0.0802 0.0522 0.0079  -0.0175 0.0132  2002 HOH C O   
248 O  O   . HOH K . ? 0.1136 0.1840 1.5930 -0.1105 -0.2845 0.4218  2003 HOH C O   
249 O  O   . HOH K . ? 0.0753 0.1099 0.1099 -0.0159 -0.0126 -0.0310 2004 HOH C O   
250 O  O   . HOH L . ? 0.0850 0.0922 0.0682 0.0167  0.0102  0.0205  2001 HOH D O   
251 O  O   . HOH L . ? 0.0884 0.0749 0.0636 0.0356  -0.0068 -0.0078 2002 HOH D O   
# 
